data_5K32
#
_entry.id   5K32
#
_cell.length_a   59.967
_cell.length_b   79.739
_cell.length_c   163.845
_cell.angle_alpha   90.000
_cell.angle_beta   90.000
_cell.angle_gamma   90.000
#
_symmetry.space_group_name_H-M   'P 21 21 21'
#
loop_
_entity.id
_entity.type
_entity.pdbx_description
1 polymer "cAMP-specific 3',5'-cyclic phosphodiesterase 4D"
2 non-polymer 'ZINC ION'
3 non-polymer 'MAGNESIUM ION'
4 non-polymer 4-[(3-methoxyphenyl)amino]-2-phenyl-7,8-dihydro-1,6-naphthyridin-5(6H)-one
5 non-polymer 1,2-ETHANEDIOL
6 water water
#
_entity_poly.entity_id   1
_entity_poly.type   'polypeptide(L)'
_entity_poly.pdbx_seq_one_letter_code
;AQEDVLAKELEDVNKWGLHVFRIAELSGNRPLTVIMHTIFQERDLLKTFKIPVDTLITYLMTLEDHYHADVAYHNNIHAA
DVVQSTHVLLSTPALEAVFTDLEILAAIFASAIHDVDHPGVSNQFLINTNSELALMYNDSSVLENHHLAVGFKLLQEENC
DIFQNLTKKQRQSLRKMVIDIVLATDMSKHMNLLADLKTMVETKKVTSSGVLLLDNYSDRIQVLQNMVHCADLSNPTKPL
QLYRQWTDRIMEEFFRQGDRERERGMEISPMCDKHNASVEKSQVGFIDYIVHPLWETWADLVHPDAQDILDTLEDNREWY
QSTIP
;
_entity_poly.pdbx_strand_id   A,B
#
loop_
_chem_comp.id
_chem_comp.type
_chem_comp.name
_chem_comp.formula
6Q2 non-polymer 4-[(3-methoxyphenyl)amino]-2-phenyl-7,8-dihydro-1,6-naphthyridin-5(6H)-one 'C21 H19 N3 O2'
EDO non-polymer 1,2-ETHANEDIOL 'C2 H6 O2'
MG non-polymer 'MAGNESIUM ION' 'Mg 2'
ZN non-polymer 'ZINC ION' 'Zn 2'
#
# COMPACT_ATOMS: atom_id res chain seq x y z
N GLN A 2 28.79 -15.80 -32.56
CA GLN A 2 28.09 -15.01 -31.49
C GLN A 2 26.70 -15.60 -31.16
N GLU A 3 25.90 -15.88 -32.18
CA GLU A 3 24.61 -16.60 -32.00
C GLU A 3 24.80 -18.08 -31.65
N ASP A 4 26.02 -18.59 -31.87
CA ASP A 4 26.36 -19.96 -31.50
C ASP A 4 26.77 -20.08 -30.03
N VAL A 5 27.59 -19.12 -29.60
CA VAL A 5 28.09 -19.05 -28.22
C VAL A 5 26.93 -18.77 -27.26
N LEU A 6 25.95 -18.00 -27.71
CA LEU A 6 24.86 -17.65 -26.81
C LEU A 6 23.87 -18.83 -26.71
N ALA A 7 23.66 -19.50 -27.84
CA ALA A 7 22.95 -20.77 -27.85
C ALA A 7 23.51 -21.69 -26.78
N LYS A 8 24.82 -21.86 -26.77
CA LYS A 8 25.44 -22.83 -25.85
C LYS A 8 25.46 -22.36 -24.38
N GLU A 9 25.75 -21.09 -24.17
CA GLU A 9 25.66 -20.53 -22.81
C GLU A 9 24.27 -20.77 -22.21
N LEU A 10 23.23 -20.59 -23.02
CA LEU A 10 21.82 -20.72 -22.60
C LEU A 10 21.40 -22.14 -22.24
N GLU A 11 22.08 -23.14 -22.82
CA GLU A 11 21.83 -24.55 -22.51
C GLU A 11 22.04 -24.82 -21.03
N ASP A 12 22.67 -23.86 -20.35
CA ASP A 12 22.80 -23.92 -18.88
C ASP A 12 21.66 -23.20 -18.10
N VAL A 13 20.63 -22.78 -18.80
CA VAL A 13 19.50 -22.06 -18.17
C VAL A 13 18.94 -22.77 -16.89
N ASN A 14 19.03 -24.10 -16.81
CA ASN A 14 18.51 -24.81 -15.63
C ASN A 14 19.55 -24.97 -14.52
N LYS A 15 20.72 -24.35 -14.68
CA LYS A 15 21.79 -24.50 -13.69
C LYS A 15 21.99 -23.26 -12.83
N TRP A 16 22.20 -23.52 -11.57
CA TRP A 16 22.72 -22.55 -10.65
C TRP A 16 24.14 -22.13 -11.08
N GLY A 17 24.38 -20.83 -11.17
CA GLY A 17 25.63 -20.35 -11.69
C GLY A 17 25.67 -20.10 -13.19
N LEU A 18 24.51 -19.92 -13.80
CA LEU A 18 24.42 -19.47 -15.21
C LEU A 18 25.40 -18.30 -15.46
N HIS A 19 26.10 -18.29 -16.61
CA HIS A 19 27.00 -17.20 -16.91
C HIS A 19 26.22 -15.98 -17.42
N VAL A 20 25.61 -15.22 -16.50
CA VAL A 20 24.59 -14.24 -16.91
C VAL A 20 25.22 -12.97 -17.54
N PHE A 21 26.44 -12.67 -17.15
CA PHE A 21 27.08 -11.46 -17.62
C PHE A 21 27.54 -11.64 -19.05
N ARG A 22 27.99 -12.85 -19.38
CA ARG A 22 28.39 -13.18 -20.74
C ARG A 22 27.16 -13.12 -21.66
N ILE A 23 26.01 -13.62 -21.17
CA ILE A 23 24.75 -13.64 -21.93
C ILE A 23 24.32 -12.20 -22.27
N ALA A 24 24.42 -11.30 -21.30
CA ALA A 24 24.15 -9.85 -21.48
C ALA A 24 25.03 -9.27 -22.58
N GLU A 25 26.32 -9.59 -22.51
CA GLU A 25 27.32 -9.23 -23.52
C GLU A 25 26.95 -9.71 -24.94
N LEU A 26 26.80 -11.03 -25.09
CA LEU A 26 26.56 -11.67 -26.38
C LEU A 26 25.15 -11.43 -26.94
N SER A 27 24.20 -11.07 -26.09
CA SER A 27 22.83 -10.76 -26.56
C SER A 27 22.68 -9.31 -27.01
N GLY A 28 23.75 -8.52 -26.85
CA GLY A 28 23.72 -7.07 -27.09
C GLY A 28 22.88 -6.34 -26.06
N ASN A 29 23.16 -6.62 -24.78
CA ASN A 29 22.38 -6.13 -23.63
C ASN A 29 20.91 -6.49 -23.67
N ARG A 30 20.60 -7.72 -24.12
CA ARG A 30 19.22 -8.29 -24.06
C ARG A 30 19.06 -9.53 -23.20
N PRO A 31 19.77 -9.60 -22.04
CA PRO A 31 19.67 -10.79 -21.21
C PRO A 31 18.29 -11.12 -20.65
N LEU A 32 17.48 -10.11 -20.34
CA LEU A 32 16.19 -10.43 -19.79
C LEU A 32 15.31 -10.95 -20.92
N THR A 33 15.36 -10.33 -22.12
CA THR A 33 14.60 -10.86 -23.25
C THR A 33 14.92 -12.34 -23.53
N VAL A 34 16.17 -12.65 -23.88
CA VAL A 34 16.59 -14.02 -24.22
C VAL A 34 16.46 -15.02 -23.07
N ILE A 35 16.75 -14.60 -21.83
CA ILE A 35 16.64 -15.52 -20.70
C ILE A 35 15.17 -15.86 -20.41
N MET A 36 14.30 -14.84 -20.38
CA MET A 36 12.88 -15.05 -20.23
C MET A 36 12.36 -15.91 -21.39
N HIS A 37 12.73 -15.56 -22.62
CA HIS A 37 12.28 -16.32 -23.81
C HIS A 37 12.61 -17.82 -23.81
N THR A 38 13.88 -18.15 -23.60
CA THR A 38 14.30 -19.54 -23.42
C THR A 38 13.45 -20.23 -22.35
N ILE A 39 13.10 -19.50 -21.29
CA ILE A 39 12.48 -20.11 -20.10
C ILE A 39 11.05 -20.49 -20.39
N PHE A 40 10.37 -19.63 -21.13
CA PHE A 40 9.00 -19.83 -21.54
C PHE A 40 8.90 -21.04 -22.52
N GLN A 41 9.86 -21.15 -23.44
CA GLN A 41 9.99 -22.32 -24.34
C GLN A 41 10.20 -23.59 -23.55
N GLU A 42 11.31 -23.67 -22.81
CA GLU A 42 11.62 -24.78 -21.89
C GLU A 42 10.45 -25.26 -21.03
N ARG A 43 9.79 -24.31 -20.34
CA ARG A 43 8.65 -24.65 -19.47
C ARG A 43 7.37 -24.81 -20.27
N ASP A 44 7.48 -24.61 -21.58
CA ASP A 44 6.37 -24.75 -22.52
C ASP A 44 5.25 -23.73 -22.26
N LEU A 45 5.64 -22.56 -21.74
CA LEU A 45 4.66 -21.53 -21.29
C LEU A 45 3.91 -20.84 -22.43
N LEU A 46 4.49 -20.86 -23.62
CA LEU A 46 3.83 -20.27 -24.81
C LEU A 46 2.64 -21.04 -25.37
N LYS A 47 2.73 -22.38 -25.43
CA LYS A 47 1.59 -23.24 -25.82
C LYS A 47 0.54 -23.28 -24.73
N THR A 48 0.96 -23.58 -23.50
CA THR A 48 0.05 -23.63 -22.35
C THR A 48 -0.88 -22.39 -22.26
N PHE A 49 -0.31 -21.21 -22.48
CA PHE A 49 -1.06 -19.94 -22.29
C PHE A 49 -1.38 -19.23 -23.61
N LYS A 50 -1.12 -19.93 -24.72
CA LYS A 50 -1.47 -19.50 -26.09
C LYS A 50 -0.92 -18.09 -26.42
N ILE A 51 0.36 -17.94 -26.11
CA ILE A 51 1.04 -16.65 -26.27
C ILE A 51 1.66 -16.62 -27.67
N PRO A 52 1.28 -15.63 -28.48
CA PRO A 52 1.92 -15.40 -29.77
C PRO A 52 3.36 -14.95 -29.54
N VAL A 53 4.27 -15.51 -30.35
CA VAL A 53 5.71 -15.38 -30.10
C VAL A 53 6.15 -13.91 -30.08
N ASP A 54 5.74 -13.19 -31.13
CA ASP A 54 6.03 -11.78 -31.33
C ASP A 54 5.52 -10.86 -30.21
N THR A 55 4.44 -11.25 -29.53
CA THR A 55 3.90 -10.41 -28.45
C THR A 55 4.85 -10.49 -27.25
N LEU A 56 5.34 -11.68 -26.93
CA LEU A 56 6.21 -11.87 -25.76
C LEU A 56 7.50 -11.11 -25.90
N ILE A 57 8.18 -11.35 -27.02
CA ILE A 57 9.29 -10.56 -27.53
C ILE A 57 9.07 -9.06 -27.46
N THR A 58 7.94 -8.57 -27.98
CA THR A 58 7.66 -7.14 -27.90
C THR A 58 7.58 -6.65 -26.45
N TYR A 59 6.78 -7.34 -25.64
CA TYR A 59 6.71 -7.01 -24.22
C TYR A 59 8.10 -7.08 -23.57
N LEU A 60 8.81 -8.20 -23.76
CA LEU A 60 10.10 -8.40 -23.07
C LEU A 60 11.10 -7.28 -23.36
N MET A 61 11.19 -6.88 -24.64
N MET A 61 11.20 -6.86 -24.62
CA MET A 61 12.04 -5.77 -25.09
CA MET A 61 12.10 -5.76 -25.01
C MET A 61 11.64 -4.44 -24.44
C MET A 61 11.65 -4.42 -24.40
N THR A 62 10.34 -4.16 -24.42
CA THR A 62 9.78 -2.95 -23.80
C THR A 62 9.97 -2.94 -22.27
N LEU A 63 9.65 -4.08 -21.62
CA LEU A 63 10.01 -4.30 -20.20
C LEU A 63 11.50 -4.00 -19.92
N GLU A 64 12.40 -4.58 -20.73
CA GLU A 64 13.85 -4.47 -20.49
C GLU A 64 14.42 -3.02 -20.67
N ASP A 65 13.95 -2.32 -21.71
CA ASP A 65 14.17 -0.88 -21.94
C ASP A 65 13.81 -0.01 -20.72
N HIS A 66 12.91 -0.48 -19.85
CA HIS A 66 12.56 0.32 -18.65
C HIS A 66 13.43 0.02 -17.42
N TYR A 67 14.40 -0.86 -17.61
CA TYR A 67 15.52 -0.96 -16.68
C TYR A 67 16.57 0.06 -17.12
N HIS A 68 17.13 0.76 -16.13
CA HIS A 68 18.08 1.86 -16.33
C HIS A 68 19.46 1.25 -16.63
N ALA A 69 20.00 1.64 -17.78
CA ALA A 69 21.36 1.17 -18.18
C ALA A 69 22.52 1.74 -17.36
N ASP A 70 22.28 2.90 -16.74
CA ASP A 70 23.29 3.63 -16.01
C ASP A 70 23.29 3.38 -14.45
N VAL A 71 22.51 2.39 -13.99
CA VAL A 71 22.41 2.03 -12.54
C VAL A 71 23.22 0.74 -12.42
N ALA A 72 24.20 0.71 -11.51
CA ALA A 72 25.15 -0.41 -11.53
C ALA A 72 24.59 -1.77 -11.06
N TYR A 73 23.62 -1.82 -10.11
CA TYR A 73 23.08 -3.13 -9.72
C TYR A 73 21.65 -3.36 -10.19
N HIS A 74 20.78 -2.40 -9.87
CA HIS A 74 19.36 -2.59 -10.09
C HIS A 74 18.96 -2.29 -11.56
N ASN A 75 19.45 -3.17 -12.43
CA ASN A 75 19.25 -3.14 -13.89
C ASN A 75 18.69 -4.44 -14.45
N ASN A 76 18.71 -4.56 -15.79
CA ASN A 76 18.18 -5.69 -16.49
C ASN A 76 18.97 -6.98 -16.30
N ILE A 77 20.27 -6.89 -16.02
CA ILE A 77 21.04 -8.12 -15.68
C ILE A 77 20.61 -8.67 -14.32
N HIS A 78 20.28 -7.80 -13.40
CA HIS A 78 19.78 -8.25 -12.09
C HIS A 78 18.41 -8.89 -12.24
N ALA A 79 17.54 -8.31 -13.10
CA ALA A 79 16.24 -8.89 -13.45
C ALA A 79 16.30 -10.22 -14.29
N ALA A 80 17.20 -10.33 -15.28
CA ALA A 80 17.51 -11.64 -15.87
C ALA A 80 17.92 -12.74 -14.89
N ASP A 81 18.85 -12.41 -13.96
CA ASP A 81 19.38 -13.20 -12.89
C ASP A 81 18.31 -13.70 -11.89
N VAL A 82 17.38 -12.83 -11.49
CA VAL A 82 16.35 -13.21 -10.48
C VAL A 82 15.35 -14.15 -11.19
N VAL A 83 15.03 -13.80 -12.42
CA VAL A 83 14.20 -14.64 -13.22
C VAL A 83 14.81 -16.07 -13.25
N GLN A 84 16.09 -16.22 -13.61
CA GLN A 84 16.68 -17.54 -13.81
C GLN A 84 16.76 -18.29 -12.49
N SER A 85 17.09 -17.58 -11.43
CA SER A 85 17.26 -18.16 -10.10
C SER A 85 15.91 -18.72 -9.59
N THR A 86 14.82 -17.92 -9.75
CA THR A 86 13.44 -18.46 -9.52
C THR A 86 13.07 -19.73 -10.34
N HIS A 87 13.34 -19.70 -11.62
CA HIS A 87 13.10 -20.80 -12.50
C HIS A 87 13.74 -22.10 -12.00
N VAL A 88 14.98 -22.00 -11.48
CA VAL A 88 15.69 -23.15 -10.84
C VAL A 88 15.05 -23.53 -9.53
N LEU A 89 14.73 -22.54 -8.67
CA LEU A 89 14.13 -22.88 -7.37
C LEU A 89 12.73 -23.52 -7.53
N LEU A 90 12.03 -23.19 -8.62
CA LEU A 90 10.71 -23.76 -8.93
C LEU A 90 10.83 -25.25 -9.28
N SER A 91 12.07 -25.63 -9.60
CA SER A 91 12.41 -27.01 -9.97
C SER A 91 12.91 -27.83 -8.82
N THR A 92 12.92 -27.27 -7.60
CA THR A 92 13.34 -28.02 -6.42
C THR A 92 12.51 -29.32 -6.32
N PRO A 93 13.20 -30.48 -6.18
CA PRO A 93 12.54 -31.75 -5.95
C PRO A 93 11.38 -31.69 -4.97
N ALA A 94 11.64 -31.19 -3.76
CA ALA A 94 10.65 -30.97 -2.73
C ALA A 94 9.44 -30.11 -3.10
N LEU A 95 9.48 -29.44 -4.25
CA LEU A 95 8.34 -28.65 -4.74
C LEU A 95 7.71 -29.30 -5.96
N GLU A 96 8.13 -30.52 -6.24
CA GLU A 96 7.66 -31.23 -7.44
C GLU A 96 6.11 -31.30 -7.41
N ALA A 97 5.51 -30.84 -8.51
CA ALA A 97 4.03 -30.75 -8.74
C ALA A 97 3.19 -30.04 -7.65
N VAL A 98 3.82 -29.08 -6.96
CA VAL A 98 3.12 -28.32 -5.94
C VAL A 98 2.35 -27.16 -6.62
N PHE A 99 3.06 -26.36 -7.43
CA PHE A 99 2.46 -25.20 -8.06
C PHE A 99 1.90 -25.47 -9.47
N THR A 100 0.76 -24.85 -9.78
CA THR A 100 0.13 -24.82 -11.07
C THR A 100 0.91 -24.01 -12.14
N ASP A 101 0.57 -24.23 -13.41
CA ASP A 101 1.11 -23.45 -14.51
C ASP A 101 0.90 -21.95 -14.32
N LEU A 102 -0.31 -21.53 -13.91
CA LEU A 102 -0.56 -20.14 -13.55
C LEU A 102 0.36 -19.60 -12.43
N GLU A 103 0.54 -20.36 -11.36
CA GLU A 103 1.40 -19.89 -10.25
C GLU A 103 2.89 -19.80 -10.67
N ILE A 104 3.34 -20.73 -11.50
CA ILE A 104 4.71 -20.75 -12.09
C ILE A 104 4.91 -19.47 -12.95
N LEU A 105 3.92 -19.19 -13.80
CA LEU A 105 3.87 -17.99 -14.65
C LEU A 105 3.98 -16.67 -13.85
N ALA A 106 3.26 -16.56 -12.73
CA ALA A 106 3.25 -15.36 -11.88
C ALA A 106 4.58 -15.15 -11.14
N ALA A 107 5.05 -16.18 -10.43
CA ALA A 107 6.41 -16.21 -9.85
C ALA A 107 7.50 -15.65 -10.76
N ILE A 108 7.58 -16.21 -11.96
CA ILE A 108 8.48 -15.80 -13.08
C ILE A 108 8.18 -14.46 -13.74
N PHE A 109 6.90 -14.12 -13.90
CA PHE A 109 6.57 -12.75 -14.37
C PHE A 109 6.99 -11.73 -13.33
N ALA A 110 6.69 -12.02 -12.05
CA ALA A 110 7.00 -11.09 -10.95
C ALA A 110 8.51 -10.84 -10.89
N SER A 111 9.28 -11.93 -10.78
CA SER A 111 10.75 -11.91 -10.92
C SER A 111 11.31 -10.93 -11.96
N ALA A 112 10.74 -10.98 -13.15
CA ALA A 112 11.14 -10.14 -14.26
C ALA A 112 10.88 -8.65 -14.08
N ILE A 113 9.72 -8.31 -13.52
CA ILE A 113 9.34 -6.93 -13.31
C ILE A 113 9.77 -6.36 -11.92
N HIS A 114 10.26 -7.23 -11.03
CA HIS A 114 10.36 -6.89 -9.57
C HIS A 114 11.21 -5.61 -9.25
N ASP A 115 12.14 -5.23 -10.15
CA ASP A 115 12.93 -3.99 -9.98
C ASP A 115 12.80 -2.95 -11.15
N VAL A 116 11.74 -3.02 -11.91
CA VAL A 116 11.69 -2.22 -13.18
C VAL A 116 11.63 -0.69 -12.85
N ASP A 117 12.41 0.08 -13.59
CA ASP A 117 12.50 1.57 -13.44
C ASP A 117 13.08 1.99 -12.09
N HIS A 118 13.99 1.18 -11.51
CA HIS A 118 14.73 1.50 -10.27
C HIS A 118 15.69 2.63 -10.58
N PRO A 119 15.65 3.72 -9.75
CA PRO A 119 16.52 4.89 -9.88
C PRO A 119 17.92 4.71 -9.32
N GLY A 120 18.22 3.53 -8.79
CA GLY A 120 19.49 3.32 -8.10
C GLY A 120 19.58 3.91 -6.70
N VAL A 121 18.47 4.30 -6.10
CA VAL A 121 18.51 4.83 -4.70
C VAL A 121 17.51 4.11 -3.79
N SER A 122 17.64 4.19 -2.44
CA SER A 122 16.80 3.41 -1.53
C SER A 122 15.43 4.06 -1.25
N ASN A 123 14.48 3.28 -0.72
CA ASN A 123 13.20 3.79 -0.23
C ASN A 123 13.45 4.87 0.83
N GLN A 124 14.40 4.68 1.74
CA GLN A 124 14.66 5.71 2.77
C GLN A 124 15.18 7.05 2.19
N PHE A 125 16.01 6.99 1.14
CA PHE A 125 16.41 8.16 0.32
C PHE A 125 15.24 8.95 -0.25
N LEU A 126 14.40 8.25 -1.02
CA LEU A 126 13.18 8.78 -1.57
C LEU A 126 12.25 9.40 -0.51
N ILE A 127 12.12 8.79 0.66
CA ILE A 127 11.30 9.36 1.73
C ILE A 127 11.98 10.68 2.22
N ASN A 128 13.32 10.64 2.42
CA ASN A 128 14.10 11.83 2.80
C ASN A 128 14.26 12.91 1.73
N THR A 129 14.29 12.57 0.46
CA THR A 129 14.38 13.66 -0.52
C THR A 129 13.04 14.29 -0.87
N ASN A 130 12.05 14.06 -0.01
CA ASN A 130 10.64 14.44 -0.32
C ASN A 130 10.29 14.18 -1.76
N SER A 131 10.66 12.99 -2.23
CA SER A 131 10.42 12.67 -3.62
C SER A 131 8.97 12.58 -3.97
N GLU A 132 8.73 12.74 -5.25
CA GLU A 132 7.44 12.51 -5.82
C GLU A 132 6.92 11.05 -5.72
N LEU A 133 7.81 10.04 -5.79
CA LEU A 133 7.37 8.64 -5.68
C LEU A 133 6.91 8.32 -4.24
N ALA A 134 7.63 8.85 -3.22
CA ALA A 134 7.27 8.69 -1.82
C ALA A 134 5.97 9.45 -1.48
N LEU A 135 5.79 10.63 -2.07
CA LEU A 135 4.50 11.38 -1.95
C LEU A 135 3.29 10.57 -2.41
N MET A 136 3.40 10.03 -3.62
CA MET A 136 2.48 9.14 -4.26
C MET A 136 2.12 7.92 -3.39
N TYR A 137 3.12 7.25 -2.82
CA TYR A 137 2.89 5.94 -2.17
C TYR A 137 2.90 6.01 -0.67
N ASN A 138 2.82 7.23 -0.13
CA ASN A 138 2.66 7.42 1.29
C ASN A 138 3.73 6.59 1.99
N ASP A 139 4.99 6.81 1.60
CA ASP A 139 6.15 6.23 2.31
C ASP A 139 6.15 4.71 2.47
N SER A 140 5.10 4.01 2.02
CA SER A 140 5.00 2.50 2.10
C SER A 140 5.43 1.69 0.86
N SER A 141 6.55 0.94 1.02
CA SER A 141 7.05 0.07 -0.10
C SER A 141 7.10 0.91 -1.37
N VAL A 142 7.77 2.04 -1.29
CA VAL A 142 7.71 3.03 -2.38
C VAL A 142 8.19 2.51 -3.77
N LEU A 143 9.43 2.03 -3.79
CA LEU A 143 10.02 1.38 -4.94
C LEU A 143 9.17 0.20 -5.49
N GLU A 144 8.78 -0.70 -4.58
CA GLU A 144 8.08 -1.93 -4.89
C GLU A 144 6.71 -1.65 -5.47
N ASN A 145 5.96 -0.72 -4.89
CA ASN A 145 4.71 -0.40 -5.53
C ASN A 145 4.96 0.13 -6.95
N HIS A 146 5.93 1.03 -7.15
CA HIS A 146 6.23 1.60 -8.50
C HIS A 146 6.68 0.55 -9.54
N HIS A 147 7.58 -0.37 -9.16
CA HIS A 147 7.98 -1.55 -10.04
C HIS A 147 6.78 -2.29 -10.62
N LEU A 148 5.82 -2.63 -9.77
CA LEU A 148 4.58 -3.28 -10.19
C LEU A 148 3.75 -2.42 -11.19
N ALA A 149 3.55 -1.13 -10.87
CA ALA A 149 2.66 -0.27 -11.69
C ALA A 149 3.25 -0.07 -13.09
N VAL A 150 4.56 0.00 -13.17
CA VAL A 150 5.29 0.01 -14.42
C VAL A 150 5.17 -1.33 -15.18
N GLY A 151 5.52 -2.42 -14.51
CA GLY A 151 5.38 -3.75 -15.12
C GLY A 151 4.03 -4.03 -15.77
N PHE A 152 2.93 -3.60 -15.13
CA PHE A 152 1.60 -3.96 -15.67
C PHE A 152 1.13 -3.06 -16.82
N LYS A 153 1.53 -1.79 -16.72
CA LYS A 153 1.20 -0.71 -17.67
C LYS A 153 1.77 -1.02 -19.05
N LEU A 154 2.98 -1.57 -19.07
CA LEU A 154 3.65 -1.92 -20.30
C LEU A 154 2.92 -2.99 -21.10
N LEU A 155 2.06 -3.78 -20.44
CA LEU A 155 1.21 -4.76 -21.13
C LEU A 155 0.17 -4.11 -22.06
N GLN A 156 -0.31 -2.91 -21.69
CA GLN A 156 -1.20 -2.10 -22.52
C GLN A 156 -0.57 -1.42 -23.74
N GLU A 157 0.76 -1.45 -23.88
CA GLU A 157 1.34 -0.96 -25.14
C GLU A 157 0.98 -1.94 -26.27
N GLU A 158 1.14 -1.45 -27.49
CA GLU A 158 0.72 -2.20 -28.65
C GLU A 158 1.50 -3.49 -28.79
N ASN A 159 0.76 -4.61 -28.76
CA ASN A 159 1.31 -5.93 -28.93
C ASN A 159 2.29 -6.26 -27.81
N CYS A 160 1.85 -6.03 -26.57
CA CYS A 160 2.64 -6.34 -25.38
C CYS A 160 1.82 -7.14 -24.39
N ASP A 161 0.53 -7.28 -24.65
CA ASP A 161 -0.29 -8.07 -23.74
C ASP A 161 -0.17 -9.61 -23.92
N ILE A 162 0.86 -10.15 -23.29
CA ILE A 162 1.15 -11.57 -23.31
C ILE A 162 0.03 -12.37 -22.61
N PHE A 163 -0.82 -11.69 -21.84
CA PHE A 163 -1.91 -12.40 -21.15
C PHE A 163 -3.25 -12.44 -21.92
N GLN A 164 -3.24 -12.01 -23.18
CA GLN A 164 -4.45 -11.74 -23.92
C GLN A 164 -5.35 -12.98 -24.01
N ASN A 165 -4.75 -14.15 -24.23
CA ASN A 165 -5.52 -15.38 -24.33
C ASN A 165 -5.87 -16.09 -23.02
N LEU A 166 -5.49 -15.52 -21.87
CA LEU A 166 -5.98 -16.04 -20.58
C LEU A 166 -7.43 -15.64 -20.34
N THR A 167 -8.17 -16.49 -19.64
CA THR A 167 -9.51 -16.14 -19.14
C THR A 167 -9.46 -15.06 -18.04
N LYS A 168 -10.64 -14.57 -17.62
CA LYS A 168 -10.70 -13.39 -16.74
C LYS A 168 -10.33 -13.74 -15.29
N LYS A 169 -10.82 -14.88 -14.83
CA LYS A 169 -10.42 -15.41 -13.53
C LYS A 169 -8.89 -15.64 -13.46
N GLN A 170 -8.32 -16.13 -14.56
CA GLN A 170 -6.86 -16.33 -14.67
C GLN A 170 -6.11 -14.99 -14.50
N ARG A 171 -6.50 -13.99 -15.27
CA ARG A 171 -5.91 -12.64 -15.13
C ARG A 171 -6.02 -12.02 -13.71
N GLN A 172 -7.19 -12.10 -13.08
CA GLN A 172 -7.32 -11.58 -11.71
C GLN A 172 -6.37 -12.25 -10.73
N SER A 173 -6.27 -13.57 -10.85
CA SER A 173 -5.56 -14.40 -9.89
C SER A 173 -4.05 -14.12 -9.97
N LEU A 174 -3.56 -14.07 -11.20
CA LEU A 174 -2.14 -13.83 -11.48
C LEU A 174 -1.80 -12.41 -11.09
N ARG A 175 -2.66 -11.44 -11.46
CA ARG A 175 -2.45 -10.05 -11.03
C ARG A 175 -2.28 -10.02 -9.53
N LYS A 176 -3.19 -10.67 -8.80
CA LYS A 176 -3.09 -10.70 -7.32
C LYS A 176 -1.75 -11.32 -6.81
N MET A 177 -1.42 -12.48 -7.35
CA MET A 177 -0.17 -13.18 -7.01
C MET A 177 1.09 -12.38 -7.32
N VAL A 178 1.16 -11.76 -8.48
CA VAL A 178 2.32 -10.91 -8.83
C VAL A 178 2.55 -9.78 -7.82
N ILE A 179 1.45 -9.12 -7.42
CA ILE A 179 1.52 -8.02 -6.45
C ILE A 179 1.98 -8.48 -5.05
N ASP A 180 1.35 -9.53 -4.56
CA ASP A 180 1.77 -10.13 -3.30
C ASP A 180 3.25 -10.54 -3.37
N ILE A 181 3.68 -11.16 -4.46
CA ILE A 181 5.11 -11.57 -4.63
C ILE A 181 6.11 -10.35 -4.71
N VAL A 182 5.85 -9.37 -5.57
CA VAL A 182 6.72 -8.19 -5.63
C VAL A 182 6.77 -7.37 -4.30
N LEU A 183 5.61 -7.11 -3.66
CA LEU A 183 5.58 -6.38 -2.38
C LEU A 183 6.44 -7.07 -1.30
N ALA A 184 6.50 -8.39 -1.37
CA ALA A 184 7.34 -9.12 -0.51
C ALA A 184 8.86 -8.89 -0.81
N THR A 185 9.26 -8.26 -1.94
CA THR A 185 10.74 -7.98 -2.19
C THR A 185 11.41 -6.85 -1.35
N ASP A 186 10.56 -6.01 -0.74
CA ASP A 186 10.95 -4.93 0.17
C ASP A 186 11.64 -5.50 1.41
N MET A 187 12.88 -5.08 1.68
CA MET A 187 13.63 -5.60 2.81
C MET A 187 13.04 -5.27 4.20
N SER A 188 12.19 -4.22 4.27
CA SER A 188 11.49 -3.87 5.51
C SER A 188 10.60 -4.99 6.06
N LYS A 189 10.18 -5.86 5.15
CA LYS A 189 9.33 -7.02 5.34
C LYS A 189 10.06 -8.36 5.61
N HIS A 190 11.38 -8.36 5.40
CA HIS A 190 12.28 -9.55 5.58
C HIS A 190 12.02 -10.37 6.83
N MET A 191 12.19 -9.72 7.98
CA MET A 191 12.14 -10.37 9.27
C MET A 191 10.82 -11.00 9.53
N ASN A 192 9.75 -10.27 9.22
CA ASN A 192 8.40 -10.83 9.34
C ASN A 192 8.16 -12.05 8.42
N LEU A 193 8.50 -11.99 7.12
CA LEU A 193 8.53 -13.18 6.22
C LEU A 193 9.37 -14.39 6.70
N LEU A 194 10.61 -14.12 7.14
CA LEU A 194 11.50 -15.13 7.76
C LEU A 194 10.82 -15.84 8.94
N ALA A 195 10.32 -15.10 9.94
CA ALA A 195 9.57 -15.72 11.05
C ALA A 195 8.42 -16.61 10.52
N ASP A 196 7.68 -16.11 9.55
CA ASP A 196 6.62 -16.92 8.96
C ASP A 196 7.09 -18.17 8.28
N LEU A 197 8.20 -18.09 7.54
CA LEU A 197 8.84 -19.28 6.97
C LEU A 197 9.34 -20.24 8.09
N LYS A 198 9.97 -19.71 9.14
CA LYS A 198 10.36 -20.56 10.29
C LYS A 198 9.17 -21.36 10.82
N THR A 199 8.03 -20.68 10.98
CA THR A 199 6.76 -21.30 11.38
C THR A 199 6.38 -22.49 10.46
N MET A 200 6.34 -22.23 9.16
CA MET A 200 6.03 -23.29 8.18
C MET A 200 6.91 -24.52 8.27
N VAL A 201 8.22 -24.32 8.52
CA VAL A 201 9.20 -25.42 8.63
C VAL A 201 8.99 -26.31 9.88
N GLU A 202 8.71 -25.67 11.01
CA GLU A 202 8.42 -26.32 12.26
C GLU A 202 7.18 -27.24 12.10
N THR A 203 6.11 -26.65 11.59
CA THR A 203 4.83 -27.34 11.39
C THR A 203 4.60 -27.87 9.94
N LYS A 204 5.68 -28.19 9.22
CA LYS A 204 5.63 -28.64 7.81
C LYS A 204 5.06 -30.05 7.58
N LYS A 205 4.43 -30.28 6.42
CA LYS A 205 3.77 -31.57 6.17
C LYS A 205 4.51 -32.66 5.36
N VAL A 206 4.45 -32.66 4.02
CA VAL A 206 5.31 -33.55 3.18
C VAL A 206 4.90 -35.02 2.99
N THR A 207 4.95 -35.46 1.73
CA THR A 207 4.69 -36.84 1.33
C THR A 207 5.86 -37.75 1.69
N SER A 208 5.81 -38.98 1.18
CA SER A 208 6.85 -39.99 1.38
C SER A 208 8.04 -39.87 0.40
N SER A 209 8.13 -38.77 -0.32
CA SER A 209 9.31 -38.46 -1.10
C SER A 209 9.88 -37.17 -0.56
N GLY A 210 9.31 -36.69 0.54
CA GLY A 210 9.60 -35.36 1.04
C GLY A 210 9.13 -34.23 0.13
N VAL A 211 8.09 -34.48 -0.64
CA VAL A 211 7.46 -33.44 -1.44
C VAL A 211 6.45 -32.72 -0.55
N LEU A 212 6.56 -31.39 -0.48
CA LEU A 212 5.76 -30.55 0.42
C LEU A 212 4.28 -30.44 -0.01
N LEU A 213 3.39 -30.37 0.97
CA LEU A 213 1.94 -30.30 0.68
C LEU A 213 1.41 -28.96 1.11
N LEU A 214 0.96 -28.17 0.15
CA LEU A 214 0.52 -26.81 0.41
C LEU A 214 -0.92 -26.66 -0.12
N ASP A 215 -1.90 -26.64 0.77
CA ASP A 215 -3.31 -26.61 0.27
C ASP A 215 -3.85 -25.24 -0.01
N ASN A 216 -3.85 -24.37 1.00
CA ASN A 216 -4.47 -23.06 0.87
C ASN A 216 -3.57 -22.03 0.21
N TYR A 217 -4.20 -20.91 -0.19
CA TYR A 217 -3.51 -19.77 -0.84
C TYR A 217 -2.44 -19.21 0.09
N SER A 218 -2.85 -18.93 1.31
CA SER A 218 -2.01 -18.30 2.32
C SER A 218 -0.63 -18.99 2.42
N ASP A 219 -0.61 -20.33 2.45
CA ASP A 219 0.64 -21.07 2.55
C ASP A 219 1.40 -21.09 1.24
N ARG A 220 0.70 -21.19 0.12
CA ARG A 220 1.38 -21.29 -1.18
C ARG A 220 1.97 -19.96 -1.61
N ILE A 221 1.19 -18.87 -1.54
CA ILE A 221 1.72 -17.51 -1.80
C ILE A 221 2.96 -17.17 -0.96
N GLN A 222 2.91 -17.56 0.31
CA GLN A 222 3.95 -17.38 1.31
C GLN A 222 5.27 -18.01 0.87
N VAL A 223 5.17 -19.22 0.29
CA VAL A 223 6.27 -19.96 -0.29
C VAL A 223 6.80 -19.27 -1.53
N LEU A 224 5.92 -18.76 -2.38
CA LEU A 224 6.35 -18.10 -3.61
C LEU A 224 6.96 -16.75 -3.27
N GLN A 225 6.44 -16.12 -2.20
CA GLN A 225 7.07 -14.89 -1.67
C GLN A 225 8.50 -15.17 -1.22
N ASN A 226 8.66 -16.12 -0.31
CA ASN A 226 10.02 -16.48 0.13
C ASN A 226 10.95 -16.95 -0.99
N MET A 227 10.46 -17.76 -1.93
CA MET A 227 11.23 -18.20 -3.11
C MET A 227 11.83 -17.07 -4.03
N VAL A 228 11.09 -15.96 -4.13
CA VAL A 228 11.48 -14.88 -5.05
C VAL A 228 12.38 -13.98 -4.22
N HIS A 229 12.06 -13.80 -2.93
CA HIS A 229 12.93 -13.09 -1.96
C HIS A 229 14.31 -13.80 -1.93
N CYS A 230 14.30 -15.13 -1.94
CA CYS A 230 15.56 -15.93 -1.92
C CYS A 230 16.41 -15.72 -3.15
N ALA A 231 15.77 -15.72 -4.32
CA ALA A 231 16.32 -15.42 -5.62
C ALA A 231 16.92 -14.02 -5.73
N ASP A 232 16.14 -13.01 -5.33
CA ASP A 232 16.66 -11.66 -5.09
C ASP A 232 17.94 -11.60 -4.22
N LEU A 233 17.97 -12.44 -3.19
CA LEU A 233 19.10 -12.39 -2.28
C LEU A 233 20.04 -13.61 -2.47
N SER A 234 20.15 -14.06 -3.71
CA SER A 234 20.94 -15.28 -4.00
C SER A 234 22.41 -15.03 -4.41
N ASN A 235 22.84 -13.76 -4.54
CA ASN A 235 24.14 -13.51 -5.20
C ASN A 235 25.30 -14.16 -4.42
N PRO A 236 25.29 -14.06 -3.05
CA PRO A 236 26.23 -14.67 -2.14
C PRO A 236 26.23 -16.17 -2.17
N THR A 237 25.24 -16.76 -2.83
CA THR A 237 25.13 -18.24 -2.96
C THR A 237 25.63 -18.79 -4.32
N LYS A 238 25.97 -17.89 -5.25
CA LYS A 238 26.43 -18.30 -6.57
C LYS A 238 27.98 -18.45 -6.49
N PRO A 239 28.59 -19.05 -7.55
CA PRO A 239 30.06 -19.18 -7.69
C PRO A 239 30.67 -17.83 -7.45
N LEU A 240 31.80 -17.83 -6.75
CA LEU A 240 32.49 -16.66 -6.32
C LEU A 240 32.72 -15.62 -7.41
N GLN A 241 33.04 -16.06 -8.61
CA GLN A 241 33.34 -15.09 -9.65
C GLN A 241 32.09 -14.39 -10.18
N LEU A 242 30.94 -14.85 -9.75
CA LEU A 242 29.69 -14.10 -9.94
C LEU A 242 29.39 -13.18 -8.77
N TYR A 243 29.39 -13.75 -7.59
CA TYR A 243 29.17 -13.00 -6.34
C TYR A 243 30.00 -11.70 -6.28
N ARG A 244 31.34 -11.82 -6.33
CA ARG A 244 32.24 -10.65 -6.45
C ARG A 244 31.80 -9.59 -7.45
N GLN A 245 31.31 -10.00 -8.62
CA GLN A 245 30.86 -9.07 -9.68
C GLN A 245 29.56 -8.34 -9.24
N TRP A 246 28.67 -9.01 -8.49
CA TRP A 246 27.45 -8.37 -7.99
C TRP A 246 27.83 -7.42 -6.87
N THR A 247 28.81 -7.81 -6.04
CA THR A 247 29.21 -6.96 -4.92
C THR A 247 29.86 -5.57 -5.27
N ASP A 248 30.76 -5.56 -6.25
CA ASP A 248 31.33 -4.35 -6.85
C ASP A 248 30.18 -3.43 -7.37
N ARG A 249 29.21 -4.05 -8.00
CA ARG A 249 28.10 -3.34 -8.62
C ARG A 249 27.18 -2.72 -7.59
N ILE A 250 26.87 -3.41 -6.47
CA ILE A 250 25.99 -2.80 -5.43
C ILE A 250 26.72 -1.70 -4.67
N MET A 251 28.00 -1.93 -4.39
CA MET A 251 28.89 -0.92 -3.82
C MET A 251 29.03 0.35 -4.67
N GLU A 252 29.12 0.21 -5.99
CA GLU A 252 29.10 1.42 -6.81
C GLU A 252 27.76 2.17 -6.67
N GLU A 253 26.65 1.47 -6.90
CA GLU A 253 25.33 2.07 -6.71
C GLU A 253 25.15 2.77 -5.31
N PHE A 254 25.61 2.11 -4.26
CA PHE A 254 25.53 2.67 -2.93
C PHE A 254 26.39 3.97 -2.86
N PHE A 255 27.68 3.90 -3.22
CA PHE A 255 28.60 5.04 -3.12
C PHE A 255 28.09 6.25 -3.92
N ARG A 256 27.45 5.99 -5.08
CA ARG A 256 26.73 7.01 -5.87
C ARG A 256 25.53 7.65 -5.17
N GLN A 257 24.73 6.82 -4.46
CA GLN A 257 23.70 7.38 -3.60
C GLN A 257 24.33 8.29 -2.53
N GLY A 258 25.47 7.89 -1.98
CA GLY A 258 26.25 8.71 -1.01
C GLY A 258 26.65 10.08 -1.53
N ASP A 259 27.23 10.10 -2.73
CA ASP A 259 27.49 11.31 -3.49
C ASP A 259 26.26 12.22 -3.69
N ARG A 260 25.11 11.61 -4.06
CA ARG A 260 23.84 12.32 -4.27
C ARG A 260 23.39 12.96 -2.96
N GLU A 261 23.72 12.31 -1.84
CA GLU A 261 23.43 12.81 -0.49
C GLU A 261 24.34 13.96 -0.06
N ARG A 262 25.66 13.69 0.13
CA ARG A 262 26.65 14.69 0.61
C ARG A 262 26.36 16.04 0.00
N GLU A 263 26.25 15.99 -1.33
CA GLU A 263 25.77 17.02 -2.22
C GLU A 263 24.60 17.82 -1.64
N ARG A 264 23.38 17.29 -1.80
CA ARG A 264 22.11 17.88 -1.34
C ARG A 264 22.12 18.39 0.10
N GLY A 265 23.28 18.30 0.74
CA GLY A 265 23.43 18.74 2.12
C GLY A 265 22.87 17.72 3.08
N MET A 266 22.60 16.53 2.56
CA MET A 266 22.06 15.45 3.39
C MET A 266 23.14 14.87 4.25
N GLU A 267 22.75 14.28 5.38
CA GLU A 267 23.67 13.49 6.19
C GLU A 267 23.93 12.18 5.46
N ILE A 268 25.19 12.01 5.10
CA ILE A 268 25.69 10.87 4.34
C ILE A 268 25.45 9.58 5.14
N SER A 269 24.76 8.64 4.51
CA SER A 269 24.29 7.40 5.14
C SER A 269 25.42 6.48 5.61
N CYS A 272 27.27 3.16 1.91
CA CYS A 272 27.05 4.45 1.22
C CYS A 272 28.23 5.44 1.36
N ASP A 273 29.02 5.35 2.41
CA ASP A 273 30.20 6.22 2.55
C ASP A 273 31.49 5.56 2.06
N LYS A 274 31.98 6.00 0.90
CA LYS A 274 33.14 5.40 0.20
C LYS A 274 34.51 5.69 0.81
N HIS A 275 34.67 6.88 1.39
CA HIS A 275 35.92 7.21 2.08
C HIS A 275 35.90 6.68 3.52
N ASN A 276 35.01 5.71 3.80
CA ASN A 276 34.81 5.16 5.15
C ASN A 276 34.05 3.81 5.28
N ALA A 277 34.10 2.95 4.27
CA ALA A 277 33.48 1.61 4.39
C ALA A 277 34.49 0.42 4.33
N SER A 278 34.19 -0.69 5.01
CA SER A 278 34.89 -1.99 4.74
C SER A 278 33.97 -2.90 3.96
N VAL A 279 34.25 -3.03 2.68
CA VAL A 279 33.39 -3.78 1.81
C VAL A 279 33.21 -5.19 2.33
N GLU A 280 34.37 -5.79 2.58
CA GLU A 280 34.59 -7.11 3.12
C GLU A 280 33.84 -7.45 4.41
N LYS A 281 34.03 -6.66 5.46
CA LYS A 281 33.33 -6.82 6.71
C LYS A 281 31.82 -6.61 6.62
N SER A 282 31.37 -5.67 5.79
CA SER A 282 29.95 -5.47 5.45
C SER A 282 29.37 -6.72 4.74
N GLN A 283 30.18 -7.41 3.93
CA GLN A 283 29.62 -8.66 3.32
C GLN A 283 29.42 -9.85 4.29
N VAL A 284 30.45 -10.09 5.10
CA VAL A 284 30.38 -11.06 6.21
C VAL A 284 29.15 -10.74 7.09
N GLY A 285 29.03 -9.46 7.49
CA GLY A 285 27.89 -8.92 8.27
C GLY A 285 26.57 -9.28 7.58
N PHE A 286 26.45 -8.94 6.32
CA PHE A 286 25.23 -9.18 5.52
C PHE A 286 24.87 -10.66 5.45
N ILE A 287 25.90 -11.49 5.29
CA ILE A 287 25.67 -12.92 5.14
C ILE A 287 25.19 -13.45 6.48
N ASP A 288 25.91 -13.07 7.53
CA ASP A 288 25.63 -13.62 8.86
C ASP A 288 24.25 -13.23 9.39
N TYR A 289 23.92 -11.93 9.36
CA TYR A 289 22.60 -11.43 9.83
C TYR A 289 21.34 -11.60 8.93
N ILE A 290 21.53 -11.62 7.59
CA ILE A 290 20.36 -11.71 6.65
C ILE A 290 20.35 -12.91 5.72
N VAL A 291 21.44 -13.08 4.95
CA VAL A 291 21.39 -13.99 3.81
C VAL A 291 21.43 -15.44 4.32
N HIS A 292 22.27 -15.70 5.30
CA HIS A 292 22.35 -17.10 5.80
C HIS A 292 21.16 -17.55 6.66
N PRO A 293 20.70 -16.70 7.61
CA PRO A 293 19.46 -17.17 8.29
C PRO A 293 18.35 -17.48 7.35
N LEU A 294 18.29 -16.73 6.23
CA LEU A 294 17.30 -16.94 5.20
C LEU A 294 17.44 -18.25 4.39
N TRP A 295 18.62 -18.47 3.80
CA TRP A 295 18.78 -19.64 2.92
C TRP A 295 18.88 -20.93 3.78
N GLU A 296 19.24 -20.80 5.04
CA GLU A 296 19.23 -21.99 5.92
C GLU A 296 17.79 -22.46 6.17
N THR A 297 16.92 -21.47 6.40
CA THR A 297 15.54 -21.69 6.76
C THR A 297 14.90 -22.29 5.54
N TRP A 298 15.12 -21.64 4.39
CA TRP A 298 14.75 -22.22 3.08
C TRP A 298 15.30 -23.63 2.92
N ALA A 299 16.58 -23.83 3.30
CA ALA A 299 17.17 -25.18 3.22
C ALA A 299 16.42 -26.16 4.13
N ASP A 300 16.17 -25.78 5.38
CA ASP A 300 15.29 -26.63 6.21
C ASP A 300 13.92 -27.02 5.56
N LEU A 301 13.33 -26.15 4.69
CA LEU A 301 12.04 -26.45 3.97
C LEU A 301 12.12 -27.53 2.86
N VAL A 302 13.22 -27.53 2.13
CA VAL A 302 13.27 -28.43 1.00
C VAL A 302 14.38 -29.47 1.20
N HIS A 303 14.78 -29.66 2.46
CA HIS A 303 15.77 -30.67 2.86
C HIS A 303 15.66 -32.00 2.07
N PRO A 304 16.77 -32.47 1.46
CA PRO A 304 18.10 -31.88 1.46
C PRO A 304 18.41 -30.95 0.27
N ASP A 305 17.42 -30.61 -0.56
CA ASP A 305 17.63 -30.16 -1.96
C ASP A 305 18.49 -28.89 -2.16
N ALA A 306 18.56 -28.02 -1.14
CA ALA A 306 19.26 -26.71 -1.20
C ALA A 306 20.66 -26.84 -0.64
N GLN A 307 21.14 -28.08 -0.53
CA GLN A 307 22.45 -28.33 0.09
C GLN A 307 23.58 -27.74 -0.70
N ASP A 308 23.60 -27.94 -2.03
CA ASP A 308 24.71 -27.46 -2.82
C ASP A 308 24.73 -25.90 -2.69
N ILE A 309 23.54 -25.29 -2.69
CA ILE A 309 23.40 -23.84 -2.55
C ILE A 309 23.91 -23.32 -1.21
N LEU A 310 23.53 -23.94 -0.09
CA LEU A 310 23.97 -23.47 1.24
C LEU A 310 25.50 -23.66 1.43
N ASP A 311 26.02 -24.71 0.81
CA ASP A 311 27.47 -24.97 0.92
C ASP A 311 28.29 -23.86 0.24
N THR A 312 27.87 -23.41 -0.97
CA THR A 312 28.54 -22.26 -1.65
C THR A 312 28.49 -20.98 -0.85
N LEU A 313 27.27 -20.66 -0.41
CA LEU A 313 27.07 -19.54 0.49
C LEU A 313 28.11 -19.56 1.66
N GLU A 314 28.28 -20.71 2.31
CA GLU A 314 29.20 -20.76 3.48
C GLU A 314 30.69 -20.75 3.02
N ASP A 315 30.97 -21.23 1.83
CA ASP A 315 32.34 -21.18 1.26
C ASP A 315 32.67 -19.76 0.84
N ASN A 316 31.66 -18.97 0.45
CA ASN A 316 31.94 -17.55 0.10
C ASN A 316 32.12 -16.68 1.35
N ARG A 317 31.33 -16.97 2.38
CA ARG A 317 31.48 -16.24 3.66
C ARG A 317 32.88 -16.42 4.20
N GLU A 318 33.35 -17.67 4.12
CA GLU A 318 34.72 -18.02 4.54
C GLU A 318 35.73 -17.23 3.74
N TRP A 319 35.58 -17.20 2.39
CA TRP A 319 36.51 -16.47 1.51
C TRP A 319 36.57 -14.98 1.83
N TYR A 320 35.39 -14.35 2.02
CA TYR A 320 35.29 -12.92 2.33
C TYR A 320 35.89 -12.62 3.70
N GLN A 321 35.70 -13.53 4.66
CA GLN A 321 36.30 -13.34 5.94
C GLN A 321 37.87 -13.48 5.91
N SER A 322 38.36 -14.32 5.00
CA SER A 322 39.83 -14.47 4.67
C SER A 322 40.45 -13.18 4.07
N THR A 323 39.61 -12.31 3.50
CA THR A 323 40.10 -11.06 2.91
C THR A 323 40.29 -9.95 3.95
N ILE A 324 39.87 -10.23 5.18
CA ILE A 324 39.95 -9.33 6.34
C ILE A 324 41.21 -9.67 7.17
N PRO A 325 42.16 -8.70 7.27
CA PRO A 325 43.47 -8.89 7.89
C PRO A 325 43.25 -9.05 9.37
N ALA B 1 -25.67 40.22 6.18
CA ALA B 1 -26.77 39.47 6.85
C ALA B 1 -26.63 37.96 6.65
N GLN B 2 -26.08 37.58 5.51
CA GLN B 2 -25.76 36.20 5.26
C GLN B 2 -24.55 35.80 6.10
N GLU B 3 -23.57 36.70 6.21
CA GLU B 3 -22.41 36.49 7.09
C GLU B 3 -22.86 36.37 8.55
N ASP B 4 -23.89 37.15 8.89
CA ASP B 4 -24.57 37.10 10.18
C ASP B 4 -25.21 35.76 10.47
N VAL B 5 -26.01 35.25 9.53
CA VAL B 5 -26.60 33.97 9.79
C VAL B 5 -25.55 32.87 9.75
N LEU B 6 -24.61 32.95 8.79
CA LEU B 6 -23.48 32.01 8.75
C LEU B 6 -22.82 31.94 10.14
N ALA B 7 -22.40 33.08 10.69
CA ALA B 7 -21.69 33.10 11.98
C ALA B 7 -22.53 32.57 13.15
N LYS B 8 -23.84 32.71 13.04
CA LYS B 8 -24.78 32.20 14.04
C LYS B 8 -24.79 30.68 14.00
N GLU B 9 -24.88 30.11 12.78
CA GLU B 9 -24.89 28.65 12.61
C GLU B 9 -23.58 28.00 13.09
N LEU B 10 -22.49 28.77 13.06
CA LEU B 10 -21.17 28.32 13.46
C LEU B 10 -20.97 28.30 14.99
N GLU B 11 -21.87 28.97 15.73
CA GLU B 11 -21.97 28.79 17.19
C GLU B 11 -22.26 27.32 17.64
N ASP B 12 -22.87 26.52 16.78
CA ASP B 12 -23.13 25.10 17.08
C ASP B 12 -21.98 24.11 16.76
N VAL B 13 -20.85 24.60 16.32
CA VAL B 13 -19.66 23.78 15.98
C VAL B 13 -19.21 22.73 17.03
N ASN B 14 -19.58 22.90 18.28
CA ASN B 14 -19.19 21.95 19.28
C ASN B 14 -20.32 20.96 19.57
N LYS B 15 -21.38 20.97 18.77
CA LYS B 15 -22.57 20.17 19.07
C LYS B 15 -22.82 19.12 17.96
N TRP B 16 -23.11 17.89 18.37
CA TRP B 16 -23.55 16.83 17.46
C TRP B 16 -24.82 17.24 16.73
N GLY B 17 -24.86 17.10 15.41
CA GLY B 17 -26.03 17.61 14.65
C GLY B 17 -25.98 19.10 14.23
N LEU B 18 -24.82 19.60 13.89
CA LEU B 18 -24.66 20.99 13.39
C LEU B 18 -25.34 21.01 12.02
N HIS B 19 -25.95 22.13 11.64
CA HIS B 19 -26.66 22.28 10.36
C HIS B 19 -25.65 22.46 9.24
N VAL B 20 -25.03 21.35 8.84
CA VAL B 20 -23.91 21.40 7.92
C VAL B 20 -24.31 21.84 6.49
N PHE B 21 -25.50 21.47 6.08
CA PHE B 21 -25.90 21.78 4.70
C PHE B 21 -26.25 23.27 4.59
N ARG B 22 -26.78 23.83 5.68
CA ARG B 22 -27.09 25.27 5.65
C ARG B 22 -25.81 26.05 5.65
N ILE B 23 -24.88 25.68 6.57
CA ILE B 23 -23.52 26.29 6.64
C ILE B 23 -22.82 26.34 5.28
N ALA B 24 -22.97 25.28 4.49
CA ALA B 24 -22.52 25.19 3.08
C ALA B 24 -23.15 26.18 2.05
N GLU B 25 -24.47 26.38 2.15
CA GLU B 25 -25.15 27.39 1.35
C GLU B 25 -24.75 28.82 1.81
N LEU B 26 -24.70 29.02 3.11
CA LEU B 26 -24.43 30.31 3.77
C LEU B 26 -22.97 30.80 3.62
N SER B 27 -22.05 29.84 3.46
CA SER B 27 -20.61 30.12 3.27
C SER B 27 -20.16 30.33 1.81
N GLY B 28 -21.12 30.31 0.88
CA GLY B 28 -20.83 30.38 -0.55
C GLY B 28 -20.10 29.13 -1.01
N ASN B 29 -20.61 27.99 -0.50
CA ASN B 29 -20.14 26.67 -0.79
C ASN B 29 -18.70 26.44 -0.31
N ARG B 30 -18.42 26.88 0.93
CA ARG B 30 -17.14 26.68 1.55
C ARG B 30 -17.29 26.14 2.97
N PRO B 31 -18.11 25.09 3.18
CA PRO B 31 -18.32 24.44 4.45
C PRO B 31 -16.96 24.02 5.09
N LEU B 32 -16.04 23.46 4.32
CA LEU B 32 -14.80 22.81 4.86
C LEU B 32 -13.89 23.91 5.38
N THR B 33 -13.75 24.95 4.55
CA THR B 33 -12.89 26.12 4.88
C THR B 33 -13.44 26.72 6.11
N VAL B 34 -14.73 27.11 6.11
CA VAL B 34 -15.25 27.80 7.30
C VAL B 34 -15.29 26.92 8.52
N ILE B 35 -15.65 25.64 8.32
CA ILE B 35 -15.67 24.77 9.50
C ILE B 35 -14.26 24.51 10.10
N MET B 36 -13.28 24.21 9.26
CA MET B 36 -11.88 24.08 9.67
C MET B 36 -11.26 25.36 10.32
N HIS B 37 -11.46 26.54 9.72
CA HIS B 37 -10.98 27.80 10.38
C HIS B 37 -11.54 27.97 11.81
N THR B 38 -12.86 27.83 11.98
CA THR B 38 -13.53 27.93 13.28
C THR B 38 -13.01 26.89 14.28
N ILE B 39 -12.75 25.66 13.82
CA ILE B 39 -12.20 24.67 14.75
C ILE B 39 -10.77 24.98 15.23
N PHE B 40 -9.89 25.38 14.32
CA PHE B 40 -8.51 25.84 14.67
C PHE B 40 -8.50 27.01 15.65
N GLN B 41 -9.37 28.01 15.42
CA GLN B 41 -9.54 29.16 16.36
C GLN B 41 -9.95 28.65 17.75
N GLU B 42 -11.00 27.82 17.79
CA GLU B 42 -11.54 27.22 19.02
C GLU B 42 -10.47 26.55 19.89
N ARG B 43 -9.65 25.71 19.24
CA ARG B 43 -8.62 24.93 19.91
C ARG B 43 -7.26 25.60 20.02
N ASP B 44 -7.19 26.85 19.55
CA ASP B 44 -6.01 27.72 19.54
C ASP B 44 -4.85 27.13 18.71
N LEU B 45 -5.20 26.38 17.66
CA LEU B 45 -4.21 25.64 16.90
C LEU B 45 -3.27 26.48 16.05
N LEU B 46 -3.76 27.62 15.53
CA LEU B 46 -2.90 28.63 14.89
C LEU B 46 -1.70 29.11 15.76
N LYS B 47 -1.97 29.57 16.98
CA LYS B 47 -0.95 30.03 17.94
C LYS B 47 0.02 28.94 18.36
N THR B 48 -0.51 27.85 18.94
CA THR B 48 0.25 26.64 19.32
C THR B 48 1.27 26.23 18.26
N PHE B 49 0.84 26.21 17.00
CA PHE B 49 1.67 25.71 15.88
C PHE B 49 2.16 26.76 14.85
N LYS B 50 1.88 28.02 15.15
CA LYS B 50 2.42 29.19 14.43
C LYS B 50 1.97 29.15 12.97
N ILE B 51 0.67 28.91 12.77
CA ILE B 51 0.15 28.82 11.41
C ILE B 51 -0.32 30.21 11.07
N PRO B 52 0.28 30.86 10.04
CA PRO B 52 -0.24 32.18 9.69
C PRO B 52 -1.68 32.01 9.21
N VAL B 53 -2.59 32.88 9.70
CA VAL B 53 -4.03 32.73 9.34
C VAL B 53 -4.27 32.65 7.82
N ASP B 54 -3.50 33.42 7.07
CA ASP B 54 -3.64 33.57 5.60
C ASP B 54 -3.20 32.30 4.83
N THR B 55 -2.19 31.63 5.38
CA THR B 55 -1.70 30.36 4.85
C THR B 55 -2.80 29.30 5.09
N LEU B 56 -3.42 29.35 6.26
CA LEU B 56 -4.40 28.32 6.61
C LEU B 56 -5.64 28.47 5.71
N ILE B 57 -6.14 29.69 5.55
CA ILE B 57 -7.24 29.96 4.56
C ILE B 57 -6.89 29.52 3.14
N THR B 58 -5.66 29.80 2.71
CA THR B 58 -5.25 29.55 1.34
C THR B 58 -5.21 28.02 1.06
N TYR B 59 -4.54 27.26 1.93
CA TYR B 59 -4.62 25.78 1.91
C TYR B 59 -6.08 25.22 1.96
N LEU B 60 -6.84 25.61 2.98
CA LEU B 60 -8.24 25.11 3.11
C LEU B 60 -9.03 25.25 1.78
N MET B 61 -8.98 26.43 1.16
CA MET B 61 -9.74 26.70 -0.07
C MET B 61 -9.27 25.82 -1.23
N THR B 62 -7.94 25.62 -1.30
CA THR B 62 -7.29 24.80 -2.37
C THR B 62 -7.75 23.34 -2.21
N LEU B 63 -7.78 22.84 -1.00
CA LEU B 63 -8.18 21.45 -0.75
C LEU B 63 -9.67 21.27 -1.07
N GLU B 64 -10.47 22.20 -0.58
CA GLU B 64 -11.91 22.21 -0.81
C GLU B 64 -12.16 22.15 -2.31
N ASP B 65 -11.47 23.02 -3.06
CA ASP B 65 -11.45 23.00 -4.53
C ASP B 65 -11.24 21.66 -5.16
N HIS B 66 -10.49 20.77 -4.46
CA HIS B 66 -10.13 19.45 -4.96
C HIS B 66 -11.12 18.30 -4.59
N TYR B 67 -12.19 18.66 -3.88
CA TYR B 67 -13.37 17.80 -3.78
C TYR B 67 -14.23 18.18 -4.97
N HIS B 68 -14.89 17.18 -5.58
CA HIS B 68 -15.63 17.40 -6.79
C HIS B 68 -17.02 17.91 -6.45
N ALA B 69 -17.41 18.98 -7.14
CA ALA B 69 -18.70 19.65 -6.92
C ALA B 69 -19.86 18.82 -7.51
N ASP B 70 -19.57 17.97 -8.49
CA ASP B 70 -20.57 16.99 -9.08
C ASP B 70 -20.71 15.52 -8.56
N VAL B 71 -20.15 15.22 -7.41
CA VAL B 71 -20.30 13.93 -6.77
C VAL B 71 -21.32 14.19 -5.62
N ALA B 72 -22.41 13.43 -5.58
CA ALA B 72 -23.50 13.71 -4.65
C ALA B 72 -23.17 13.52 -3.15
N TYR B 73 -22.35 12.51 -2.85
CA TYR B 73 -22.07 12.15 -1.43
C TYR B 73 -20.65 12.53 -1.05
N HIS B 74 -19.68 12.00 -1.81
CA HIS B 74 -18.23 12.15 -1.48
C HIS B 74 -17.64 13.48 -1.99
N ASN B 75 -18.12 14.58 -1.40
CA ASN B 75 -17.78 15.92 -1.84
C ASN B 75 -17.36 16.67 -0.60
N ASN B 76 -17.16 17.98 -0.70
CA ASN B 76 -16.69 18.84 0.41
C ASN B 76 -17.55 19.01 1.64
N ILE B 77 -18.87 18.83 1.50
CA ILE B 77 -19.85 18.89 2.58
C ILE B 77 -19.59 17.69 3.58
N HIS B 78 -19.47 16.51 2.98
CA HIS B 78 -19.03 15.27 3.68
C HIS B 78 -17.70 15.41 4.41
N ALA B 79 -16.67 15.91 3.74
CA ALA B 79 -15.39 16.26 4.44
C ALA B 79 -15.62 17.22 5.55
N ALA B 80 -16.45 18.25 5.32
CA ALA B 80 -16.73 19.14 6.43
C ALA B 80 -17.39 18.50 7.65
N ASP B 81 -18.41 17.69 7.42
CA ASP B 81 -19.14 16.98 8.41
C ASP B 81 -18.22 16.00 9.19
N VAL B 82 -17.32 15.37 8.48
CA VAL B 82 -16.36 14.46 9.11
C VAL B 82 -15.38 15.21 10.04
N VAL B 83 -14.81 16.32 9.58
CA VAL B 83 -13.98 17.16 10.48
C VAL B 83 -14.74 17.57 11.78
N GLN B 84 -15.95 18.09 11.64
CA GLN B 84 -16.65 18.63 12.80
C GLN B 84 -17.05 17.51 13.73
N SER B 85 -17.28 16.33 13.19
CA SER B 85 -17.65 15.17 14.01
C SER B 85 -16.47 14.59 14.81
N THR B 86 -15.33 14.43 14.17
CA THR B 86 -14.09 14.14 14.89
C THR B 86 -13.83 15.24 15.95
N HIS B 87 -13.99 16.51 15.58
CA HIS B 87 -13.82 17.64 16.58
C HIS B 87 -14.65 17.39 17.90
N VAL B 88 -15.90 16.97 17.76
CA VAL B 88 -16.76 16.68 18.88
C VAL B 88 -16.32 15.42 19.61
N LEU B 89 -16.00 14.34 18.89
CA LEU B 89 -15.55 13.10 19.55
C LEU B 89 -14.23 13.37 20.34
N LEU B 90 -13.32 14.17 19.76
CA LEU B 90 -12.09 14.59 20.47
C LEU B 90 -12.30 15.25 21.86
N SER B 91 -13.41 15.96 21.99
CA SER B 91 -13.88 16.63 23.19
C SER B 91 -14.55 15.75 24.21
N THR B 92 -14.80 14.48 23.92
CA THR B 92 -15.42 13.61 24.92
C THR B 92 -14.74 13.68 26.32
N PRO B 93 -15.56 13.86 27.42
CA PRO B 93 -14.92 13.80 28.76
C PRO B 93 -14.01 12.61 29.03
N ALA B 94 -14.33 11.42 28.51
CA ALA B 94 -13.49 10.23 28.79
C ALA B 94 -12.08 10.27 28.19
N LEU B 95 -11.83 11.27 27.32
CA LEU B 95 -10.54 11.45 26.65
C LEU B 95 -9.91 12.81 26.97
N GLU B 96 -10.28 13.40 28.10
CA GLU B 96 -9.79 14.73 28.39
C GLU B 96 -8.32 14.69 28.83
N ALA B 97 -7.53 15.56 28.23
CA ALA B 97 -6.08 15.59 28.40
C ALA B 97 -5.34 14.29 28.07
N VAL B 98 -5.94 13.44 27.21
CA VAL B 98 -5.33 12.16 26.81
C VAL B 98 -4.42 12.33 25.60
N PHE B 99 -4.92 12.97 24.54
CA PHE B 99 -4.17 13.16 23.29
C PHE B 99 -3.35 14.46 23.28
N THR B 100 -2.15 14.43 22.70
CA THR B 100 -1.32 15.64 22.59
C THR B 100 -1.89 16.65 21.59
N ASP B 101 -1.39 17.90 21.60
CA ASP B 101 -1.82 18.93 20.59
C ASP B 101 -1.54 18.43 19.14
N LEU B 102 -0.41 17.75 18.96
CA LEU B 102 0.00 17.21 17.64
C LEU B 102 -0.89 16.04 17.19
N GLU B 103 -1.33 15.19 18.11
CA GLU B 103 -2.30 14.16 17.75
C GLU B 103 -3.69 14.71 17.41
N ILE B 104 -4.17 15.69 18.20
CA ILE B 104 -5.40 16.44 17.89
C ILE B 104 -5.28 17.09 16.45
N LEU B 105 -4.20 17.80 16.19
CA LEU B 105 -3.91 18.29 14.83
C LEU B 105 -3.94 17.21 13.75
N ALA B 106 -3.30 16.05 13.98
CA ALA B 106 -3.30 14.93 13.02
C ALA B 106 -4.73 14.48 12.69
N ALA B 107 -5.54 14.25 13.74
CA ALA B 107 -6.89 13.66 13.55
C ALA B 107 -7.80 14.59 12.72
N ILE B 108 -7.75 15.88 13.05
CA ILE B 108 -8.56 16.89 12.31
C ILE B 108 -8.07 17.12 10.88
N PHE B 109 -6.75 17.31 10.69
CA PHE B 109 -6.23 17.35 9.29
C PHE B 109 -6.63 16.10 8.48
N ALA B 110 -6.43 14.91 9.07
CA ALA B 110 -6.75 13.64 8.41
C ALA B 110 -8.22 13.60 7.95
N SER B 111 -9.11 13.98 8.87
CA SER B 111 -10.58 14.18 8.54
C SER B 111 -10.81 15.07 7.32
N ALA B 112 -10.14 16.23 7.23
CA ALA B 112 -10.28 17.18 6.13
C ALA B 112 -9.95 16.62 4.79
N ILE B 113 -8.80 15.94 4.70
CA ILE B 113 -8.34 15.43 3.43
C ILE B 113 -8.87 14.02 3.12
N HIS B 114 -9.63 13.40 4.01
CA HIS B 114 -9.80 11.90 3.95
C HIS B 114 -10.44 11.34 2.67
N ASP B 115 -11.22 12.18 1.98
CA ASP B 115 -11.93 11.78 0.69
C ASP B 115 -11.64 12.68 -0.55
N VAL B 116 -10.59 13.51 -0.46
CA VAL B 116 -10.27 14.50 -1.49
C VAL B 116 -10.00 13.87 -2.86
N ASP B 117 -10.64 14.47 -3.88
CA ASP B 117 -10.60 13.97 -5.29
C ASP B 117 -11.27 12.61 -5.51
N HIS B 118 -12.21 12.32 -4.62
CA HIS B 118 -13.05 11.16 -4.75
C HIS B 118 -13.86 11.22 -6.08
N PRO B 119 -13.70 10.22 -6.95
CA PRO B 119 -14.55 10.21 -8.21
C PRO B 119 -16.06 9.82 -8.20
N GLY B 120 -16.62 9.55 -7.01
CA GLY B 120 -18.00 9.04 -6.94
C GLY B 120 -18.16 7.55 -7.21
N VAL B 121 -17.07 6.77 -7.21
CA VAL B 121 -17.15 5.33 -7.50
C VAL B 121 -16.23 4.52 -6.57
N SER B 122 -16.57 3.23 -6.37
CA SER B 122 -15.91 2.32 -5.40
C SER B 122 -14.53 1.86 -5.84
N ASN B 123 -13.70 1.51 -4.86
CA ASN B 123 -12.45 0.79 -5.15
C ASN B 123 -12.64 -0.36 -6.13
N GLN B 124 -13.70 -1.17 -5.96
CA GLN B 124 -13.94 -2.37 -6.75
C GLN B 124 -14.26 -2.01 -8.20
N PHE B 125 -14.97 -0.87 -8.42
CA PHE B 125 -15.27 -0.33 -9.73
C PHE B 125 -13.99 0.05 -10.38
N LEU B 126 -13.15 0.75 -9.65
CA LEU B 126 -11.86 1.23 -10.19
C LEU B 126 -10.92 0.04 -10.47
N ILE B 127 -10.91 -0.97 -9.61
CA ILE B 127 -10.18 -2.24 -9.92
C ILE B 127 -10.72 -2.94 -11.20
N ASN B 128 -12.02 -3.23 -11.23
CA ASN B 128 -12.63 -3.98 -12.34
C ASN B 128 -12.72 -3.33 -13.70
N THR B 129 -12.65 -2.00 -13.78
CA THR B 129 -12.55 -1.36 -15.10
C THR B 129 -11.14 -1.07 -15.54
N ASN B 130 -10.17 -1.57 -14.77
CA ASN B 130 -8.74 -1.34 -15.06
C ASN B 130 -8.37 0.11 -15.30
N SER B 131 -8.48 0.92 -14.23
CA SER B 131 -8.29 2.35 -14.27
C SER B 131 -6.91 2.79 -13.78
N GLU B 132 -6.50 3.97 -14.23
CA GLU B 132 -5.22 4.52 -13.87
C GLU B 132 -4.92 4.43 -12.42
N LEU B 133 -5.92 4.77 -11.57
CA LEU B 133 -5.82 4.75 -10.11
C LEU B 133 -5.48 3.34 -9.51
N ALA B 134 -6.22 2.32 -9.92
CA ALA B 134 -5.97 0.95 -9.49
C ALA B 134 -4.61 0.40 -10.01
N LEU B 135 -4.24 0.76 -11.26
CA LEU B 135 -2.91 0.43 -11.84
C LEU B 135 -1.78 1.08 -11.04
N MET B 136 -1.97 2.35 -10.70
N MET B 136 -1.98 2.35 -10.70
CA MET B 136 -1.03 3.08 -9.87
C MET B 136 -0.84 2.36 -8.53
C MET B 136 -0.83 2.38 -8.53
N TYR B 137 -1.94 2.06 -7.86
CA TYR B 137 -1.90 1.59 -6.47
C TYR B 137 -2.08 0.07 -6.28
N ASN B 138 -1.89 -0.71 -7.35
CA ASN B 138 -1.89 -2.19 -7.26
C ASN B 138 -3.12 -2.77 -6.58
N ASP B 139 -4.28 -2.15 -6.85
CA ASP B 139 -5.57 -2.59 -6.35
C ASP B 139 -5.74 -2.50 -4.82
N SER B 140 -4.80 -1.85 -4.14
CA SER B 140 -4.75 -1.82 -2.66
C SER B 140 -5.08 -0.43 -1.97
N SER B 141 -6.20 -0.36 -1.25
CA SER B 141 -6.77 0.90 -0.73
C SER B 141 -6.55 2.01 -1.76
N VAL B 142 -7.01 1.80 -2.97
CA VAL B 142 -6.66 2.65 -4.10
C VAL B 142 -7.08 4.12 -3.91
N LEU B 143 -8.34 4.31 -3.49
CA LEU B 143 -8.90 5.63 -3.26
C LEU B 143 -8.18 6.34 -2.15
N GLU B 144 -8.01 5.65 -1.00
CA GLU B 144 -7.48 6.21 0.26
C GLU B 144 -6.02 6.61 0.19
N ASN B 145 -5.23 5.84 -0.54
CA ASN B 145 -3.83 6.21 -0.90
C ASN B 145 -3.84 7.52 -1.73
N HIS B 146 -4.69 7.57 -2.75
CA HIS B 146 -4.89 8.80 -3.58
C HIS B 146 -5.26 10.06 -2.72
N HIS B 147 -6.19 9.91 -1.78
CA HIS B 147 -6.66 11.03 -0.94
C HIS B 147 -5.48 11.59 -0.20
N LEU B 148 -4.70 10.69 0.39
CA LEU B 148 -3.52 11.06 1.07
C LEU B 148 -2.53 11.73 0.12
N ALA B 149 -2.25 11.16 -1.05
CA ALA B 149 -1.24 11.75 -1.98
C ALA B 149 -1.68 13.17 -2.34
N VAL B 150 -2.99 13.33 -2.63
CA VAL B 150 -3.49 14.64 -2.98
C VAL B 150 -3.42 15.67 -1.87
N GLY B 151 -3.86 15.33 -0.62
CA GLY B 151 -3.92 16.18 0.64
C GLY B 151 -2.54 16.70 1.13
N PHE B 152 -1.55 15.80 1.04
CA PHE B 152 -0.15 16.23 1.16
C PHE B 152 0.35 17.08 -0.01
N LYS B 153 0.11 16.67 -1.24
CA LYS B 153 0.66 17.36 -2.45
C LYS B 153 0.29 18.82 -2.47
N LEU B 154 -0.98 19.11 -2.12
CA LEU B 154 -1.47 20.52 -1.96
C LEU B 154 -0.80 21.44 -0.94
N LEU B 155 -0.11 20.85 0.02
CA LEU B 155 0.70 21.67 0.92
C LEU B 155 1.86 22.36 0.20
N GLN B 156 2.31 21.83 -0.94
CA GLN B 156 3.45 22.41 -1.62
C GLN B 156 3.05 23.65 -2.49
N GLU B 157 1.75 24.03 -2.51
CA GLU B 157 1.28 25.04 -3.45
C GLU B 157 1.53 26.38 -2.84
N GLU B 158 1.49 27.43 -3.65
CA GLU B 158 1.92 28.73 -3.18
C GLU B 158 1.15 29.15 -1.94
N ASN B 159 1.90 29.41 -0.87
CA ASN B 159 1.36 29.89 0.40
C ASN B 159 0.37 28.91 1.07
N CYS B 160 0.66 27.62 0.91
CA CYS B 160 -0.24 26.54 1.35
C CYS B 160 0.34 25.64 2.45
N ASP B 161 1.63 25.80 2.79
CA ASP B 161 2.23 24.97 3.88
C ASP B 161 1.89 25.38 5.35
N ILE B 162 0.77 24.84 5.82
CA ILE B 162 0.23 25.07 7.16
C ILE B 162 1.12 24.46 8.26
N PHE B 163 2.04 23.59 7.87
CA PHE B 163 2.99 23.02 8.83
C PHE B 163 4.43 23.60 8.73
N GLN B 164 4.60 24.72 8.02
CA GLN B 164 5.95 25.36 7.87
C GLN B 164 6.73 25.66 9.17
N ASN B 165 6.02 25.79 10.28
CA ASN B 165 6.70 26.14 11.55
C ASN B 165 6.77 25.05 12.59
N LEU B 166 6.34 23.85 12.20
CA LEU B 166 6.52 22.67 13.04
C LEU B 166 8.00 22.28 12.93
N THR B 167 8.50 21.60 13.96
CA THR B 167 9.84 21.00 13.91
C THR B 167 9.80 19.84 12.91
N LYS B 168 10.96 19.40 12.42
CA LYS B 168 11.02 18.29 11.45
C LYS B 168 10.49 17.00 12.05
N LYS B 169 10.73 16.81 13.34
CA LYS B 169 10.26 15.71 14.16
C LYS B 169 8.73 15.72 14.28
N GLN B 170 8.18 16.89 14.68
CA GLN B 170 6.69 17.16 14.66
C GLN B 170 6.03 16.76 13.31
N ARG B 171 6.63 17.17 12.21
CA ARG B 171 6.13 16.95 10.85
C ARG B 171 6.19 15.48 10.35
N GLN B 172 7.30 14.80 10.64
CA GLN B 172 7.51 13.37 10.36
C GLN B 172 6.46 12.58 11.10
N SER B 173 6.28 12.89 12.38
CA SER B 173 5.33 12.19 13.24
C SER B 173 3.86 12.47 12.84
N LEU B 174 3.57 13.74 12.61
CA LEU B 174 2.23 14.10 12.09
C LEU B 174 1.95 13.35 10.79
N ARG B 175 2.89 13.37 9.86
CA ARG B 175 2.72 12.64 8.59
C ARG B 175 2.37 11.15 8.78
N LYS B 176 3.16 10.46 9.61
CA LYS B 176 2.92 9.05 9.85
C LYS B 176 1.52 8.82 10.45
N MET B 177 1.09 9.66 11.37
CA MET B 177 -0.20 9.48 11.95
C MET B 177 -1.35 9.74 10.96
N VAL B 178 -1.18 10.70 10.04
CA VAL B 178 -2.27 11.11 9.13
C VAL B 178 -2.47 9.96 8.16
N ILE B 179 -1.35 9.41 7.67
CA ILE B 179 -1.39 8.25 6.79
C ILE B 179 -2.11 7.01 7.43
N ASP B 180 -1.71 6.66 8.63
CA ASP B 180 -2.32 5.61 9.47
C ASP B 180 -3.77 5.86 9.73
N ILE B 181 -4.14 7.10 10.04
CA ILE B 181 -5.57 7.41 10.22
C ILE B 181 -6.40 7.23 8.91
N VAL B 182 -5.94 7.86 7.83
CA VAL B 182 -6.72 7.89 6.58
C VAL B 182 -6.82 6.50 5.84
N LEU B 183 -5.74 5.68 5.86
CA LEU B 183 -5.83 4.29 5.34
C LEU B 183 -6.85 3.46 6.15
N ALA B 184 -7.02 3.79 7.44
CA ALA B 184 -8.01 3.11 8.27
C ALA B 184 -9.48 3.43 7.91
N THR B 185 -9.72 4.37 6.99
CA THR B 185 -11.10 4.66 6.48
C THR B 185 -11.53 3.76 5.33
N ASP B 186 -10.61 2.94 4.80
CA ASP B 186 -11.01 1.95 3.81
C ASP B 186 -11.93 0.94 4.50
N MET B 187 -13.15 0.80 3.98
CA MET B 187 -14.13 -0.19 4.51
C MET B 187 -13.68 -1.65 4.43
N SER B 188 -12.65 -1.98 3.66
CA SER B 188 -12.20 -3.41 3.60
C SER B 188 -11.48 -3.78 4.92
N LYS B 189 -11.17 -2.75 5.70
CA LYS B 189 -10.44 -2.84 7.00
C LYS B 189 -11.30 -2.69 8.26
N HIS B 190 -12.60 -2.49 8.05
CA HIS B 190 -13.54 -2.20 9.11
C HIS B 190 -13.56 -3.36 10.12
N MET B 191 -13.70 -4.59 9.63
CA MET B 191 -13.88 -5.74 10.54
C MET B 191 -12.70 -5.90 11.45
N ASN B 192 -11.51 -5.82 10.86
CA ASN B 192 -10.24 -5.81 11.62
C ASN B 192 -10.06 -4.61 12.55
N LEU B 193 -10.37 -3.39 12.12
CA LEU B 193 -10.39 -2.25 13.07
C LEU B 193 -11.31 -2.42 14.32
N LEU B 194 -12.55 -2.87 14.09
CA LEU B 194 -13.51 -3.14 15.13
C LEU B 194 -13.10 -4.28 16.05
N ALA B 195 -12.44 -5.31 15.54
CA ALA B 195 -11.84 -6.35 16.43
C ALA B 195 -10.90 -5.79 17.50
N ASP B 196 -10.00 -4.93 17.05
CA ASP B 196 -9.04 -4.22 17.89
C ASP B 196 -9.64 -3.25 18.90
N LEU B 197 -10.65 -2.49 18.48
CA LEU B 197 -11.41 -1.67 19.37
C LEU B 197 -12.12 -2.54 20.43
N LYS B 198 -12.68 -3.69 20.06
CA LYS B 198 -13.34 -4.52 21.07
C LYS B 198 -12.40 -5.01 22.16
N THR B 199 -11.25 -5.52 21.70
CA THR B 199 -10.14 -5.91 22.54
C THR B 199 -9.72 -4.80 23.49
N MET B 200 -9.68 -3.55 23.02
CA MET B 200 -9.27 -2.42 23.87
C MET B 200 -10.34 -2.04 24.86
N VAL B 201 -11.62 -2.21 24.52
CA VAL B 201 -12.71 -1.96 25.51
C VAL B 201 -12.62 -3.04 26.62
N GLU B 202 -12.40 -4.27 26.19
CA GLU B 202 -12.28 -5.39 27.12
C GLU B 202 -11.10 -5.35 28.11
N THR B 203 -10.06 -4.60 27.76
CA THR B 203 -8.82 -4.55 28.56
C THR B 203 -8.66 -3.11 29.01
N LYS B 204 -9.77 -2.39 28.98
CA LYS B 204 -9.81 -0.98 29.25
C LYS B 204 -9.28 -0.62 30.67
N LYS B 205 -8.42 0.40 30.73
CA LYS B 205 -7.94 0.92 31.99
C LYS B 205 -8.26 2.42 32.19
N VAL B 206 -8.91 2.73 33.32
CA VAL B 206 -9.43 4.07 33.65
C VAL B 206 -8.98 4.64 35.00
N THR B 207 -8.96 5.97 35.08
CA THR B 207 -8.66 6.74 36.29
C THR B 207 -9.83 6.76 37.31
N SER B 208 -9.54 7.24 38.52
CA SER B 208 -10.58 7.51 39.54
C SER B 208 -11.79 8.29 39.00
N VAL B 211 -11.46 8.83 33.18
CA VAL B 211 -10.62 9.14 32.01
C VAL B 211 -9.80 7.90 31.58
N LEU B 212 -9.46 7.84 30.30
CA LEU B 212 -8.83 6.66 29.69
C LEU B 212 -7.30 6.68 29.56
N LEU B 213 -6.67 5.60 30.01
CA LEU B 213 -5.21 5.49 29.99
C LEU B 213 -4.68 4.82 28.74
N LEU B 214 -3.79 5.55 28.06
CA LEU B 214 -2.86 5.08 27.01
C LEU B 214 -1.70 6.12 27.06
N ASP B 215 -0.41 5.78 27.17
CA ASP B 215 0.29 4.49 27.31
C ASP B 215 1.36 4.33 26.23
N ASN B 216 0.94 3.90 25.04
CA ASN B 216 1.85 3.64 23.93
C ASN B 216 1.20 4.05 22.61
N TYR B 217 2.01 4.27 21.56
CA TYR B 217 1.54 4.77 20.24
C TYR B 217 0.51 3.84 19.64
N SER B 218 0.74 2.54 19.74
CA SER B 218 -0.16 1.54 19.13
C SER B 218 -1.64 1.70 19.57
N ASP B 219 -1.95 1.74 20.87
CA ASP B 219 -3.35 1.98 21.31
C ASP B 219 -3.93 3.37 20.96
N ARG B 220 -3.14 4.41 21.16
CA ARG B 220 -3.51 5.81 20.85
C ARG B 220 -3.87 5.98 19.36
N ILE B 221 -3.07 5.37 18.50
CA ILE B 221 -3.30 5.44 17.05
C ILE B 221 -4.57 4.66 16.68
N GLN B 222 -4.76 3.48 17.30
CA GLN B 222 -5.94 2.71 17.06
C GLN B 222 -7.17 3.46 17.49
N VAL B 223 -7.08 4.17 18.62
CA VAL B 223 -8.21 4.96 19.11
C VAL B 223 -8.53 6.08 18.05
N LEU B 224 -7.50 6.66 17.43
CA LEU B 224 -7.67 7.82 16.57
C LEU B 224 -8.21 7.29 15.28
N GLN B 225 -7.67 6.17 14.80
CA GLN B 225 -8.15 5.50 13.63
C GLN B 225 -9.62 5.15 13.76
N ASN B 226 -10.01 4.53 14.89
CA ASN B 226 -11.44 4.16 15.09
C ASN B 226 -12.33 5.38 15.24
N MET B 227 -11.76 6.45 15.76
CA MET B 227 -12.51 7.69 16.06
C MET B 227 -12.93 8.34 14.75
N VAL B 228 -12.00 8.44 13.80
CA VAL B 228 -12.22 9.08 12.49
C VAL B 228 -13.12 8.20 11.60
N HIS B 229 -13.00 6.87 11.78
CA HIS B 229 -13.90 5.86 11.12
C HIS B 229 -15.32 6.01 11.59
N CYS B 230 -15.50 6.19 12.90
CA CYS B 230 -16.81 6.54 13.49
C CYS B 230 -17.40 7.84 12.89
N ALA B 231 -16.59 8.90 12.80
CA ALA B 231 -16.99 10.20 12.19
C ALA B 231 -17.42 10.03 10.73
N ASP B 232 -16.58 9.29 10.02
CA ASP B 232 -16.87 8.85 8.67
C ASP B 232 -18.20 8.11 8.52
N LEU B 233 -18.50 7.25 9.50
CA LEU B 233 -19.78 6.53 9.46
C LEU B 233 -20.79 7.11 10.42
N SER B 234 -20.70 8.42 10.72
CA SER B 234 -21.61 9.02 11.68
C SER B 234 -23.00 9.47 11.19
N ASN B 235 -23.28 9.41 9.89
CA ASN B 235 -24.53 9.97 9.37
C ASN B 235 -25.77 9.40 10.13
N PRO B 236 -25.86 8.04 10.29
CA PRO B 236 -27.05 7.41 10.85
C PRO B 236 -27.25 7.67 12.36
N THR B 237 -26.25 8.30 12.98
CA THR B 237 -26.33 8.77 14.35
C THR B 237 -26.83 10.22 14.48
N LYS B 238 -26.95 10.94 13.36
CA LYS B 238 -27.39 12.34 13.33
C LYS B 238 -28.90 12.45 13.36
N PRO B 239 -29.48 13.60 13.85
CA PRO B 239 -30.93 13.84 13.74
C PRO B 239 -31.39 13.45 12.34
N LEU B 240 -32.63 12.96 12.19
CA LEU B 240 -33.11 12.21 11.03
C LEU B 240 -33.15 13.06 9.76
N GLN B 241 -33.38 14.37 9.91
CA GLN B 241 -33.40 15.22 8.71
C GLN B 241 -32.03 15.30 8.05
N LEU B 242 -30.97 15.22 8.84
CA LEU B 242 -29.59 15.19 8.31
C LEU B 242 -29.31 13.83 7.72
N TYR B 243 -29.54 12.80 8.51
CA TYR B 243 -29.42 11.41 7.99
C TYR B 243 -30.07 11.16 6.62
N ARG B 244 -31.37 11.48 6.49
CA ARG B 244 -32.11 11.28 5.26
C ARG B 244 -31.50 11.99 4.04
N GLN B 245 -31.02 13.21 4.21
CA GLN B 245 -30.31 13.82 3.14
C GLN B 245 -29.01 13.06 2.82
N TRP B 246 -28.26 12.63 3.85
CA TRP B 246 -27.05 11.83 3.57
C TRP B 246 -27.30 10.55 2.77
N THR B 247 -28.43 9.86 3.04
CA THR B 247 -28.86 8.66 2.28
C THR B 247 -29.24 8.97 0.82
N ASP B 248 -30.04 10.00 0.59
CA ASP B 248 -30.41 10.36 -0.77
C ASP B 248 -29.17 10.58 -1.57
N ARG B 249 -28.15 11.22 -1.00
CA ARG B 249 -26.91 11.51 -1.75
C ARG B 249 -26.04 10.28 -2.05
N ILE B 250 -25.94 9.38 -1.08
CA ILE B 250 -25.16 8.17 -1.31
C ILE B 250 -25.90 7.25 -2.29
N MET B 251 -27.24 7.22 -2.24
CA MET B 251 -28.01 6.41 -3.27
C MET B 251 -27.89 6.92 -4.71
N GLU B 252 -27.90 8.25 -4.86
CA GLU B 252 -27.63 8.91 -6.13
C GLU B 252 -26.27 8.52 -6.71
N GLU B 253 -25.20 8.65 -5.91
CA GLU B 253 -23.85 8.22 -6.29
C GLU B 253 -23.85 6.74 -6.61
N PHE B 254 -24.41 5.92 -5.72
CA PHE B 254 -24.54 4.49 -6.00
C PHE B 254 -25.26 4.22 -7.32
N PHE B 255 -26.37 4.92 -7.62
CA PHE B 255 -27.09 4.71 -8.94
C PHE B 255 -26.35 5.17 -10.20
N ARG B 256 -25.60 6.27 -10.08
CA ARG B 256 -24.77 6.80 -11.15
C ARG B 256 -23.68 5.76 -11.53
N GLN B 257 -23.10 5.11 -10.51
CA GLN B 257 -22.10 4.03 -10.70
C GLN B 257 -22.71 2.83 -11.43
N GLY B 258 -23.85 2.32 -10.94
CA GLY B 258 -24.62 1.24 -11.63
C GLY B 258 -24.99 1.55 -13.09
N ASP B 259 -25.25 2.83 -13.36
CA ASP B 259 -25.57 3.30 -14.72
C ASP B 259 -24.35 3.23 -15.63
N ARG B 260 -23.17 3.30 -15.04
CA ARG B 260 -21.92 3.22 -15.78
C ARG B 260 -21.45 1.79 -15.94
N GLU B 261 -21.75 0.96 -14.94
CA GLU B 261 -21.57 -0.48 -15.07
C GLU B 261 -22.50 -1.10 -16.11
N ARG B 262 -23.70 -0.55 -16.28
CA ARG B 262 -24.61 -0.99 -17.35
C ARG B 262 -24.10 -0.57 -18.74
N GLU B 263 -23.60 0.66 -18.85
CA GLU B 263 -23.01 1.17 -20.09
C GLU B 263 -21.80 0.35 -20.57
N ARG B 264 -21.56 -0.80 -19.92
CA ARG B 264 -20.33 -1.58 -20.08
C ARG B 264 -20.56 -3.07 -20.09
N GLY B 265 -21.80 -3.50 -19.86
CA GLY B 265 -22.09 -4.92 -19.76
C GLY B 265 -21.46 -5.55 -18.52
N MET B 266 -21.22 -4.72 -17.50
CA MET B 266 -20.81 -5.24 -16.20
C MET B 266 -22.06 -5.69 -15.42
N GLU B 267 -21.96 -6.79 -14.69
CA GLU B 267 -23.02 -7.15 -13.72
C GLU B 267 -23.21 -5.99 -12.72
N ILE B 268 -24.45 -5.81 -12.26
CA ILE B 268 -24.77 -4.63 -11.45
C ILE B 268 -24.73 -4.85 -9.93
N SER B 269 -23.76 -4.18 -9.31
CA SER B 269 -23.28 -4.47 -7.95
C SER B 269 -24.39 -4.72 -6.91
N CYS B 272 -26.75 -0.54 -6.39
CA CYS B 272 -26.30 0.24 -7.54
C CYS B 272 -27.37 0.35 -8.64
N ASP B 273 -28.37 -0.54 -8.59
CA ASP B 273 -29.43 -0.58 -9.59
C ASP B 273 -30.70 0.12 -9.13
N LYS B 274 -31.12 1.13 -9.88
CA LYS B 274 -32.22 2.04 -9.49
C LYS B 274 -33.61 1.51 -9.83
N HIS B 275 -33.68 0.27 -10.32
CA HIS B 275 -34.93 -0.40 -10.61
C HIS B 275 -35.01 -1.68 -9.76
N ASN B 276 -33.94 -1.94 -9.00
CA ASN B 276 -33.87 -3.02 -8.02
C ASN B 276 -33.83 -2.55 -6.56
N ALA B 277 -33.27 -1.36 -6.34
CA ALA B 277 -32.91 -0.90 -4.99
C ALA B 277 -34.03 -1.00 -3.94
N SER B 278 -33.64 -1.38 -2.73
CA SER B 278 -34.56 -1.32 -1.61
C SER B 278 -33.82 -0.54 -0.53
N VAL B 279 -34.08 0.73 -0.57
CA VAL B 279 -33.33 1.71 0.13
C VAL B 279 -33.44 1.50 1.61
N GLU B 280 -34.68 1.31 2.08
CA GLU B 280 -34.98 1.26 3.50
C GLU B 280 -34.39 -0.01 4.13
N LYS B 281 -34.64 -1.15 3.52
CA LYS B 281 -34.03 -2.42 3.92
C LYS B 281 -32.49 -2.37 3.92
N SER B 282 -31.90 -1.73 2.92
CA SER B 282 -30.45 -1.59 2.88
C SER B 282 -29.88 -0.76 4.04
N GLN B 283 -30.60 0.29 4.43
CA GLN B 283 -30.14 1.13 5.53
C GLN B 283 -30.23 0.36 6.85
N VAL B 284 -31.34 -0.29 7.09
CA VAL B 284 -31.48 -1.18 8.31
C VAL B 284 -30.31 -2.19 8.43
N GLY B 285 -30.02 -2.91 7.36
CA GLY B 285 -28.87 -3.82 7.34
C GLY B 285 -27.51 -3.15 7.50
N PHE B 286 -27.39 -1.93 7.00
CA PHE B 286 -26.14 -1.13 7.12
C PHE B 286 -25.90 -0.85 8.58
N ILE B 287 -26.91 -0.35 9.25
CA ILE B 287 -26.85 -0.08 10.68
C ILE B 287 -26.65 -1.41 11.46
N ASP B 288 -27.47 -2.40 11.17
CA ASP B 288 -27.43 -3.62 12.01
C ASP B 288 -26.12 -4.40 11.94
N TYR B 289 -25.42 -4.37 10.81
CA TYR B 289 -24.28 -5.23 10.54
C TYR B 289 -22.97 -4.45 10.54
N ILE B 290 -23.06 -3.13 10.37
CA ILE B 290 -21.87 -2.31 10.17
C ILE B 290 -21.87 -1.16 11.17
N VAL B 291 -22.93 -0.32 11.14
CA VAL B 291 -22.93 0.94 11.84
C VAL B 291 -23.19 0.79 13.36
N HIS B 292 -24.20 0.00 13.80
CA HIS B 292 -24.45 -0.20 15.30
C HIS B 292 -23.32 -0.97 16.02
N PRO B 293 -22.77 -2.06 15.40
CA PRO B 293 -21.65 -2.73 16.12
C PRO B 293 -20.45 -1.79 16.36
N LEU B 294 -20.11 -0.91 15.42
CA LEU B 294 -19.04 0.07 15.62
C LEU B 294 -19.37 1.05 16.73
N TRP B 295 -20.56 1.67 16.68
CA TRP B 295 -20.89 2.75 17.63
C TRP B 295 -21.20 2.23 19.04
N GLU B 296 -21.74 1.01 19.13
CA GLU B 296 -21.93 0.33 20.42
C GLU B 296 -20.57 0.17 21.13
N THR B 297 -19.58 -0.25 20.35
CA THR B 297 -18.26 -0.55 20.86
C THR B 297 -17.59 0.80 21.23
N TRP B 298 -17.66 1.79 20.32
CA TRP B 298 -17.17 3.14 20.66
C TRP B 298 -17.80 3.68 21.96
N ALA B 299 -19.13 3.61 22.10
CA ALA B 299 -19.86 4.02 23.33
C ALA B 299 -19.35 3.30 24.56
N ASP B 300 -19.09 2.00 24.42
CA ASP B 300 -18.40 1.24 25.49
C ASP B 300 -17.05 1.83 25.89
N LEU B 301 -16.17 2.17 24.94
CA LEU B 301 -14.89 2.81 25.26
C LEU B 301 -15.03 4.08 26.10
N VAL B 302 -16.01 4.90 25.76
CA VAL B 302 -16.14 6.23 26.34
C VAL B 302 -17.34 6.32 27.29
N HIS B 303 -17.76 5.20 27.86
CA HIS B 303 -18.98 5.15 28.68
C HIS B 303 -19.05 6.12 29.86
N PRO B 304 -20.16 6.92 29.97
CA PRO B 304 -21.44 6.98 29.24
C PRO B 304 -21.58 8.20 28.29
N ASP B 305 -20.45 8.82 27.91
CA ASP B 305 -20.38 10.05 27.08
C ASP B 305 -21.18 10.03 25.74
N ALA B 306 -21.22 8.86 25.08
CA ALA B 306 -21.86 8.68 23.75
C ALA B 306 -23.28 8.09 23.79
N GLN B 307 -23.87 8.01 24.97
CA GLN B 307 -25.23 7.45 25.08
C GLN B 307 -26.31 8.09 24.15
N ASP B 308 -26.28 9.41 24.01
CA ASP B 308 -27.29 10.18 23.27
C ASP B 308 -27.10 9.95 21.75
N ILE B 309 -25.87 9.75 21.33
CA ILE B 309 -25.54 9.44 19.93
C ILE B 309 -26.08 8.08 19.63
N LEU B 310 -25.81 7.17 20.54
CA LEU B 310 -26.26 5.77 20.41
C LEU B 310 -27.78 5.65 20.43
N ASP B 311 -28.44 6.42 21.30
CA ASP B 311 -29.93 6.46 21.34
C ASP B 311 -30.46 6.98 20.02
N THR B 312 -29.78 7.98 19.47
CA THR B 312 -30.21 8.58 18.20
C THR B 312 -30.15 7.56 17.07
N LEU B 313 -29.03 6.84 16.87
CA LEU B 313 -28.86 5.79 15.87
C LEU B 313 -29.96 4.69 15.98
N GLU B 314 -30.25 4.26 17.19
CA GLU B 314 -31.29 3.25 17.46
C GLU B 314 -32.72 3.75 17.07
N ASP B 315 -33.07 4.98 17.46
CA ASP B 315 -34.30 5.63 16.93
C ASP B 315 -34.45 5.64 15.38
N ASN B 316 -33.35 6.00 14.69
CA ASN B 316 -33.26 6.13 13.23
C ASN B 316 -33.37 4.78 12.60
N ARG B 317 -32.72 3.81 13.24
CA ARG B 317 -32.84 2.40 12.82
C ARG B 317 -34.32 1.97 12.85
N GLU B 318 -34.97 2.17 14.00
CA GLU B 318 -36.41 1.86 14.12
C GLU B 318 -37.28 2.59 13.11
N TRP B 319 -37.01 3.88 12.91
CA TRP B 319 -37.71 4.66 11.91
C TRP B 319 -37.61 4.01 10.55
N TYR B 320 -36.40 3.74 10.08
CA TYR B 320 -36.23 3.12 8.77
C TYR B 320 -36.94 1.74 8.65
N GLN B 321 -36.87 0.96 9.73
CA GLN B 321 -37.51 -0.36 9.79
C GLN B 321 -39.02 -0.16 9.65
N SER B 322 -39.57 0.74 10.48
CA SER B 322 -41.00 1.07 10.43
C SER B 322 -41.52 1.39 9.02
N THR B 323 -40.66 1.83 8.10
CA THR B 323 -41.08 2.17 6.69
C THR B 323 -41.32 0.95 5.81
N ILE B 324 -40.79 -0.18 6.27
CA ILE B 324 -40.82 -1.42 5.51
C ILE B 324 -42.19 -2.13 5.50
N PRO B 325 -42.72 -2.51 6.69
CA PRO B 325 -43.96 -3.31 6.76
C PRO B 325 -45.26 -2.59 6.32
ZN ZN C . 15.96 -6.96 -6.70
MG MG D . 13.79 -4.36 -5.36
C18 6Q2 E . 20.44 -5.53 -1.73
C9 6Q2 E . 24.42 -5.81 0.04
C11 6Q2 E . 24.88 -5.04 1.20
C16 6Q2 E . 23.99 -4.81 2.25
C12 6Q2 E . 26.21 -4.61 1.32
C6 6Q2 E . 23.63 -7.36 -2.05
C5 6Q2 E . 23.29 -8.29 -3.15
C20 6Q2 E . 18.07 -4.91 -1.62
C3 6Q2 E . 25.66 -8.25 -3.81
C13 6Q2 E . 26.60 -3.92 2.48
C14 6Q2 E . 25.70 -3.68 3.51
C15 6Q2 E . 24.39 -4.12 3.42
O24 6Q2 E . 22.15 -8.79 -3.12
C1 6Q2 E . 24.93 -7.40 -1.60
C2 6Q2 E . 25.93 -8.29 -2.32
N4 6Q2 E . 24.25 -8.61 -4.03
N10 6Q2 E . 25.32 -6.63 -0.59
C8 6Q2 E . 23.08 -5.76 -0.35
C7 6Q2 E . 22.66 -6.56 -1.42
N17 6Q2 E . 21.37 -6.55 -1.86
C19 6Q2 E . 19.08 -5.88 -1.73
O25 6Q2 E . 16.74 -5.25 -1.63
C26 6Q2 E . 16.22 -6.50 -2.12
C21 6Q2 E . 18.46 -3.56 -1.48
C22 6Q2 E . 19.80 -3.18 -1.49
C23 6Q2 E . 20.79 -4.16 -1.61
C1 EDO F . -4.00 -7.03 -4.44
O1 EDO F . -5.15 -7.48 -5.16
C2 EDO F . -3.12 -8.21 -4.04
O2 EDO F . -3.26 -8.53 -2.63
C1 EDO G . 12.48 2.84 4.29
O1 EDO G . 13.22 1.62 4.31
C2 EDO G . 11.01 2.50 4.37
O2 EDO G . 10.69 1.61 3.30
C1 EDO H . 17.85 -2.55 -21.26
O1 EDO H . 18.10 -2.33 -19.86
C2 EDO H . 18.10 -1.17 -21.86
O2 EDO H . 18.27 -0.27 -20.75
C1 EDO I . 22.48 -1.83 -18.44
O1 EDO I . 21.27 -2.39 -18.98
C2 EDO I . 23.10 -2.76 -17.43
O2 EDO I . 23.90 -3.64 -18.21
C1 EDO J . 17.55 -26.97 -5.89
O1 EDO J . 16.86 -26.54 -4.73
C2 EDO J . 17.17 -26.05 -7.02
O2 EDO J . 16.10 -26.66 -7.75
C1 EDO K . -3.30 -10.04 -16.21
O1 EDO K . -3.77 -9.48 -17.46
C2 EDO K . -2.35 -9.07 -15.52
O2 EDO K . -3.13 -7.89 -15.35
C1 EDO L . 18.57 0.86 -3.50
O1 EDO L . 18.17 -0.22 -2.65
C2 EDO L . 20.00 0.77 -4.06
O2 EDO L . 20.74 1.92 -3.62
C1 EDO M . 24.80 -5.42 6.85
O1 EDO M . 26.22 -5.75 6.83
C2 EDO M . 23.91 -6.54 7.40
O2 EDO M . 23.35 -6.19 8.68
C1 EDO N . 12.95 6.74 -12.95
O1 EDO N . 11.72 7.49 -12.93
C2 EDO N . 13.32 6.20 -11.56
O2 EDO N . 12.15 6.15 -10.72
C1 EDO O . 20.90 -3.10 2.71
O1 EDO O . 21.07 -1.71 3.03
C2 EDO O . 19.42 -3.40 2.44
O2 EDO O . 19.24 -4.82 2.42
C1 EDO P . -1.41 -29.75 -8.05
O1 EDO P . -0.44 -29.83 -6.98
C2 EDO P . -0.91 -28.87 -9.20
O2 EDO P . -0.51 -29.71 -10.29
C1 EDO Q . 13.21 -34.67 -2.63
O1 EDO Q . 14.63 -34.57 -2.41
C2 EDO Q . 12.47 -33.85 -1.59
O2 EDO Q . 13.33 -33.77 -0.47
C1 EDO R . 0.04 -35.94 3.31
O1 EDO R . -0.59 -35.53 4.54
C2 EDO R . 0.25 -37.45 3.26
O2 EDO R . 0.20 -37.86 1.87
C1 EDO S . 37.67 -8.83 -1.40
O1 EDO S . 36.57 -8.10 -1.99
C2 EDO S . 38.85 -8.96 -2.35
O2 EDO S . 38.94 -7.78 -3.18
C1 EDO T . 28.31 -6.95 -19.52
O1 EDO T . 27.30 -5.99 -19.93
C2 EDO T . 28.15 -7.29 -18.02
O2 EDO T . 29.48 -7.18 -17.42
C1 EDO U . 4.16 -8.29 1.59
O1 EDO U . 4.07 -8.68 2.98
C2 EDO U . 2.76 -8.33 0.96
O2 EDO U . 1.77 -8.13 2.00
ZN ZN V . -15.63 9.40 3.83
MG MG W . -13.39 7.38 1.95
C18 6Q2 X . -20.38 4.72 2.85
C9 6Q2 X . -24.64 3.13 2.70
C11 6Q2 X . -25.11 1.89 2.07
C16 6Q2 X . -24.53 0.66 2.44
C12 6Q2 X . -26.16 1.89 1.13
C6 6Q2 X . -23.86 5.51 3.93
C5 6Q2 X . -23.54 6.79 4.69
C20 6Q2 X . -17.90 4.44 2.68
C3 6Q2 X . -25.83 7.56 4.36
C13 6Q2 X . -26.58 0.67 0.55
C14 6Q2 X . -25.98 -0.53 0.92
C15 6Q2 X . -24.95 -0.56 1.89
O24 6Q2 X . -22.49 6.86 5.31
C1 6Q2 X . -25.19 5.15 3.87
C2 6Q2 X . -26.23 6.09 4.47
N4 6Q2 X . -24.46 7.76 4.76
N10 6Q2 X . -25.57 3.99 3.23
C8 6Q2 X . -23.27 3.48 2.80
C7 6Q2 X . -22.86 4.69 3.39
N17 6Q2 X . -21.53 5.06 3.55
C19 6Q2 X . -19.07 4.76 3.45
O25 6Q2 X . -16.58 4.46 3.19
C26 6Q2 X . -16.29 4.86 4.50
C21 6Q2 X . -18.02 4.06 1.35
C22 6Q2 X . -19.30 4.01 0.77
C23 6Q2 X . -20.45 4.36 1.51
C1 EDO Y . -38.73 6.25 3.61
O1 EDO Y . -39.19 7.11 2.55
C2 EDO Y . -37.22 6.37 3.79
O2 EDO Y . -36.49 6.31 2.54
C1 EDO Z . 3.70 17.38 7.11
O1 EDO Z . 4.92 17.96 6.65
C2 EDO Z . 3.03 16.81 5.87
O2 EDO Z . 3.96 15.96 5.17
C1 EDO AA . 7.04 15.70 6.80
O1 EDO AA . 7.91 14.71 7.35
C2 EDO AA . 7.67 16.38 5.59
O2 EDO AA . 8.58 17.43 5.99
C1 EDO BA . 4.00 5.05 7.06
O1 EDO BA . 4.97 6.03 7.55
C2 EDO BA . 2.80 5.09 7.99
O2 EDO BA . 2.86 3.96 8.89
C1 EDO CA . -35.90 9.47 14.26
O1 EDO CA . -34.76 9.59 15.13
C2 EDO CA . -37.20 9.05 14.94
O2 EDO CA . -37.35 9.73 16.18
C1 EDO DA . -16.50 -8.24 13.48
O1 EDO DA . -15.23 -7.57 13.25
C2 EDO DA . -16.65 -8.38 15.00
O2 EDO DA . -15.51 -7.71 15.56
C1 EDO EA . -30.97 -8.26 9.66
O1 EDO EA . -31.47 -8.90 10.84
C2 EDO EA . -31.09 -6.76 9.93
O2 EDO EA . -31.08 -6.08 8.67
C1 EDO FA . -17.84 5.36 -3.37
O1 EDO FA . -17.42 4.35 -2.43
C2 EDO FA . -19.35 5.55 -3.44
O2 EDO FA . -19.82 5.04 -4.70
C1 EDO GA . -25.36 -3.55 3.79
O1 EDO GA . -26.61 -2.85 4.04
C2 EDO GA . -24.28 -3.26 4.82
O2 EDO GA . -23.87 -4.48 5.47
C1 EDO HA . -19.37 0.41 1.46
O1 EDO HA . -20.67 0.49 0.84
C2 EDO HA . -19.45 -0.37 2.77
O2 EDO HA . -20.02 0.46 3.79
C1 EDO IA . -2.35 18.36 -6.77
O1 EDO IA . -1.01 18.72 -7.14
C2 EDO IA . -2.49 16.86 -6.98
O2 EDO IA . -3.82 16.62 -7.45
C1 EDO JA . -10.29 10.62 -9.40
O1 EDO JA . -11.03 11.85 -9.51
C2 EDO JA . -9.93 10.08 -10.80
O2 EDO JA . -10.93 10.38 -11.79
C1 EDO KA . -9.76 11.23 37.12
O1 EDO KA . -11.19 11.26 37.26
C2 EDO KA . -9.36 12.01 35.86
O2 EDO KA . -8.20 11.44 35.20
C1 EDO LA . -5.15 9.78 37.65
O1 EDO LA . -5.12 8.53 38.40
C2 EDO LA . -3.82 10.07 36.92
O2 EDO LA . -4.03 11.05 35.88
C1 EDO MA . -23.15 25.33 -5.65
O1 EDO MA . -22.22 24.50 -6.37
C2 EDO MA . -23.66 24.57 -4.43
O2 EDO MA . -24.04 25.49 -3.38
C1 EDO NA . -7.31 17.01 24.88
O1 EDO NA . -8.11 17.36 26.01
C2 EDO NA . -5.90 16.68 25.32
O2 EDO NA . -5.10 17.84 25.07
#